data_7MO0
#
_entry.id   7MO0
#
_cell.length_a   66.590
_cell.length_b   73.170
_cell.length_c   152.940
_cell.angle_alpha   90.000
_cell.angle_beta   90.000
_cell.angle_gamma   90.000
#
_symmetry.space_group_name_H-M   'P 21 21 21'
#
loop_
_entity.id
_entity.type
_entity.pdbx_description
1 polymer 'GTP-binding nuclear protein Ran'
2 polymer 'Nuclear pore complex protein Nup50'
3 non-polymer 'PHOSPHOAMINOPHOSPHONIC ACID-GUANYLATE ESTER'
4 non-polymer 'MAGNESIUM ION'
5 non-polymer 'SULFATE ION'
6 water water
#
loop_
_entity_poly.entity_id
_entity_poly.type
_entity_poly.pdbx_seq_one_letter_code
_entity_poly.pdbx_strand_id
1 'polypeptide(L)'
;S(MSE)AAQGEPQVQFKLVLVGDGGTGKTTFVKRHLTGEFEKKYVATLGVEVHPLVFHTNRGPIKFNVWDTAGQEKFGGL
RDGYYIQAQCAII(MSE)FDVTSRVTYKNVPNWHRDLVRVCENIPIVLCGNKVDIKDRKVKAKSIVFHRKKNLQYYDISA
KSNYNFEKPFLWLARKLIGDPNLEFVA(MSE)PALAPPEVV(MSE)DPALAAQYEHDLEVAQTTALPDEDDDL
;
A,C
2 'polypeptide(L)'
;GSDEEENDEPPKVVVTEVKEEDAFYSKKCKLFYKKDNEFKEKGIGTLHLKPTANQKTQLLVRADTNLGNILLNVLIPPN
(MSE)PCTRTGKNNVLIVCVPNPPIDEKNAT(MSE)PVT(MSE)LIRVKTSEDADELHKILLEKKDA
;
B,D
#
loop_
_chem_comp.id
_chem_comp.type
_chem_comp.name
_chem_comp.formula
GNP non-polymer 'PHOSPHOAMINOPHOSPHONIC ACID-GUANYLATE ESTER' 'C10 H17 N6 O13 P3'
MG non-polymer 'MAGNESIUM ION' 'Mg 2'
SO4 non-polymer 'SULFATE ION' 'O4 S -2'
#
# COMPACT_ATOMS: atom_id res chain seq x y z
N GLU A 7 -13.36 -6.87 -24.85
CA GLU A 7 -13.70 -6.15 -23.63
C GLU A 7 -15.19 -6.26 -23.33
N PRO A 8 -15.54 -6.99 -22.26
CA PRO A 8 -16.96 -7.09 -21.89
C PRO A 8 -17.52 -5.76 -21.41
N GLN A 9 -18.79 -5.52 -21.74
CA GLN A 9 -19.48 -4.35 -21.22
C GLN A 9 -19.82 -4.53 -19.74
N VAL A 10 -20.20 -5.75 -19.36
CA VAL A 10 -20.53 -6.06 -17.97
C VAL A 10 -19.24 -6.22 -17.18
N GLN A 11 -19.03 -5.38 -16.18
CA GLN A 11 -17.85 -5.48 -15.33
C GLN A 11 -18.17 -5.01 -13.93
N PHE A 12 -17.50 -5.62 -12.95
CA PHE A 12 -17.70 -5.33 -11.54
C PHE A 12 -16.35 -5.12 -10.85
N LYS A 13 -16.32 -4.19 -9.91
CA LYS A 13 -15.13 -3.98 -9.09
C LYS A 13 -15.15 -4.96 -7.92
N LEU A 14 -14.11 -5.78 -7.84
CA LEU A 14 -13.95 -6.78 -6.78
C LEU A 14 -12.70 -6.45 -5.98
N VAL A 15 -12.85 -6.32 -4.67
CA VAL A 15 -11.74 -6.02 -3.77
C VAL A 15 -11.39 -7.29 -3.01
N LEU A 16 -10.10 -7.63 -2.98
CA LEU A 16 -9.59 -8.87 -2.40
C LEU A 16 -8.70 -8.52 -1.22
N VAL A 17 -9.08 -8.99 -0.03
CA VAL A 17 -8.42 -8.61 1.21
C VAL A 17 -8.11 -9.85 2.04
N GLY A 18 -7.28 -9.65 3.05
CA GLY A 18 -6.87 -10.72 3.95
C GLY A 18 -5.45 -10.50 4.41
N ASP A 19 -5.08 -11.20 5.49
CA ASP A 19 -3.75 -11.08 6.06
C ASP A 19 -2.67 -11.31 5.00
N GLY A 20 -1.48 -10.78 5.24
CA GLY A 20 -0.38 -11.01 4.32
C GLY A 20 0.13 -12.44 4.41
N GLY A 21 0.51 -12.97 3.26
CA GLY A 21 0.98 -14.35 3.17
C GLY A 21 -0.10 -15.37 2.95
N THR A 22 -1.37 -14.98 2.94
CA THR A 22 -2.45 -15.93 2.78
C THR A 22 -2.61 -16.42 1.34
N GLY A 23 -1.93 -15.79 0.39
CA GLY A 23 -1.96 -16.24 -0.99
C GLY A 23 -2.90 -15.47 -1.90
N LYS A 24 -3.29 -14.25 -1.53
CA LYS A 24 -4.23 -13.49 -2.35
C LYS A 24 -3.69 -13.30 -3.76
N THR A 25 -2.42 -12.88 -3.89
CA THR A 25 -1.86 -12.64 -5.21
C THR A 25 -1.71 -13.93 -6.00
N THR A 26 -1.26 -15.01 -5.33
CA THR A 26 -1.06 -16.27 -6.03
C THR A 26 -2.37 -16.80 -6.62
N PHE A 27 -3.47 -16.58 -5.92
CA PHE A 27 -4.78 -17.00 -6.44
C PHE A 27 -5.15 -16.21 -7.69
N VAL A 28 -4.82 -14.92 -7.72
CA VAL A 28 -5.14 -14.10 -8.88
C VAL A 28 -4.28 -14.50 -10.08
N LYS A 29 -3.00 -14.79 -9.84
CA LYS A 29 -2.13 -15.17 -10.96
C LYS A 29 -2.58 -16.48 -11.57
N ARG A 30 -3.06 -17.42 -10.76
CA ARG A 30 -3.57 -18.68 -11.30
C ARG A 30 -4.68 -18.43 -12.31
N HIS A 31 -5.60 -17.51 -12.01
CA HIS A 31 -6.65 -17.17 -12.96
C HIS A 31 -6.15 -16.27 -14.08
N LEU A 32 -5.10 -15.50 -13.82
CA LEU A 32 -4.61 -14.52 -14.78
C LEU A 32 -3.62 -15.12 -15.77
N THR A 33 -2.62 -15.84 -15.27
CA THR A 33 -1.56 -16.37 -16.13
C THR A 33 -1.22 -17.83 -15.88
N GLY A 34 -1.86 -18.48 -14.91
CA GLY A 34 -1.53 -19.84 -14.56
C GLY A 34 -0.24 -20.01 -13.79
N GLU A 35 0.48 -18.91 -13.52
CA GLU A 35 1.74 -19.00 -12.80
C GLU A 35 1.49 -19.33 -11.32
N PHE A 36 2.51 -19.92 -10.70
CA PHE A 36 2.54 -20.14 -9.26
C PHE A 36 3.97 -19.90 -8.79
N GLU A 37 4.18 -18.84 -8.02
CA GLU A 37 5.49 -18.46 -7.52
C GLU A 37 5.64 -18.96 -6.08
N LYS A 38 6.64 -19.80 -5.84
CA LYS A 38 6.90 -20.26 -4.48
C LYS A 38 7.34 -19.12 -3.58
N LYS A 39 8.18 -18.22 -4.11
CA LYS A 39 8.73 -17.13 -3.31
C LYS A 39 7.62 -16.17 -2.86
N TYR A 40 7.72 -15.73 -1.61
CA TYR A 40 6.78 -14.77 -1.04
C TYR A 40 7.32 -13.37 -1.30
N VAL A 41 6.66 -12.63 -2.18
CA VAL A 41 6.94 -11.22 -2.41
C VAL A 41 5.68 -10.45 -2.06
N ALA A 42 5.73 -9.69 -0.97
CA ALA A 42 4.56 -8.98 -0.49
C ALA A 42 4.12 -7.93 -1.50
N THR A 43 2.80 -7.74 -1.60
CA THR A 43 2.24 -6.70 -2.44
C THR A 43 2.35 -5.34 -1.74
N LEU A 44 2.69 -4.32 -2.51
CA LEU A 44 2.78 -2.95 -2.01
C LEU A 44 1.58 -2.17 -2.53
N GLY A 45 0.76 -1.66 -1.59
CA GLY A 45 -0.45 -0.96 -1.95
C GLY A 45 -1.54 -1.87 -2.49
N VAL A 46 -1.89 -1.72 -3.77
CA VAL A 46 -2.87 -2.56 -4.42
C VAL A 46 -2.39 -2.81 -5.85
N GLU A 47 -2.77 -3.96 -6.40
CA GLU A 47 -2.54 -4.26 -7.82
C GLU A 47 -3.87 -4.66 -8.43
N VAL A 48 -4.26 -3.98 -9.50
CA VAL A 48 -5.55 -4.18 -10.15
C VAL A 48 -5.35 -5.02 -11.40
N HIS A 49 -6.02 -6.16 -11.47
CA HIS A 49 -5.95 -7.05 -12.60
C HIS A 49 -7.34 -7.39 -13.09
N PRO A 50 -7.57 -7.42 -14.42
CA PRO A 50 -8.87 -7.84 -14.94
C PRO A 50 -8.96 -9.34 -15.16
N LEU A 51 -10.06 -9.95 -14.71
CA LEU A 51 -10.35 -11.35 -14.95
C LEU A 51 -11.60 -11.46 -15.80
N VAL A 52 -11.49 -12.07 -16.96
CA VAL A 52 -12.61 -12.28 -17.87
C VAL A 52 -13.08 -13.73 -17.75
N PHE A 53 -14.37 -13.92 -17.52
CA PHE A 53 -15.00 -15.23 -17.48
C PHE A 53 -16.10 -15.30 -18.53
N HIS A 54 -16.14 -16.40 -19.26
CA HIS A 54 -17.22 -16.67 -20.21
C HIS A 54 -18.30 -17.48 -19.51
N THR A 55 -19.55 -17.04 -19.65
CA THR A 55 -20.69 -17.69 -19.05
C THR A 55 -21.71 -18.04 -20.13
N ASN A 56 -22.70 -18.84 -19.72
CA ASN A 56 -23.79 -19.21 -20.63
C ASN A 56 -24.67 -18.03 -20.99
N ARG A 57 -24.56 -16.91 -20.28
CA ARG A 57 -25.35 -15.71 -20.56
C ARG A 57 -24.52 -14.58 -21.14
N GLY A 58 -23.25 -14.83 -21.46
CA GLY A 58 -22.37 -13.81 -21.98
C GLY A 58 -21.17 -13.57 -21.08
N PRO A 59 -20.32 -12.63 -21.45
CA PRO A 59 -19.06 -12.44 -20.72
C PRO A 59 -19.23 -11.58 -19.48
N ILE A 60 -18.29 -11.75 -18.55
CA ILE A 60 -18.20 -10.96 -17.33
C ILE A 60 -16.74 -10.62 -17.09
N LYS A 61 -16.49 -9.41 -16.59
CA LYS A 61 -15.14 -8.97 -16.23
C LYS A 61 -15.14 -8.54 -14.77
N PHE A 62 -14.25 -9.13 -13.98
CA PHE A 62 -14.02 -8.69 -12.61
C PHE A 62 -12.73 -7.88 -12.58
N ASN A 63 -12.83 -6.62 -12.17
CA ASN A 63 -11.65 -5.77 -11.96
C ASN A 63 -11.18 -6.01 -10.52
N VAL A 64 -10.25 -6.95 -10.38
CA VAL A 64 -9.83 -7.41 -9.06
C VAL A 64 -8.82 -6.42 -8.48
N TRP A 65 -9.14 -5.86 -7.32
CA TRP A 65 -8.22 -4.98 -6.58
C TRP A 65 -7.53 -5.84 -5.54
N ASP A 66 -6.35 -6.35 -5.89
CA ASP A 66 -5.57 -7.23 -5.02
C ASP A 66 -4.79 -6.36 -4.04
N THR A 67 -5.32 -6.20 -2.83
CA THR A 67 -4.73 -5.32 -1.84
C THR A 67 -3.64 -6.03 -1.04
N ALA A 68 -2.80 -5.23 -0.40
CA ALA A 68 -1.74 -5.76 0.44
C ALA A 68 -2.28 -6.10 1.83
N GLY A 69 -1.86 -7.25 2.34
CA GLY A 69 -2.36 -7.73 3.61
C GLY A 69 -1.58 -7.25 4.81
N GLN A 70 -0.30 -6.94 4.62
CA GLN A 70 0.53 -6.47 5.73
C GLN A 70 0.16 -5.04 6.09
N GLU A 71 0.15 -4.74 7.38
CA GLU A 71 -0.24 -3.41 7.84
C GLU A 71 0.71 -2.35 7.28
N LYS A 72 2.01 -2.63 7.28
CA LYS A 72 2.98 -1.63 6.83
C LYS A 72 2.95 -1.41 5.33
N PHE A 73 2.36 -2.33 4.56
CA PHE A 73 2.33 -2.23 3.11
C PHE A 73 0.96 -1.81 2.56
N GLY A 74 -0.08 -1.79 3.39
CA GLY A 74 -1.42 -1.56 2.90
C GLY A 74 -1.85 -0.10 2.90
N GLY A 75 -1.23 0.70 3.77
CA GLY A 75 -1.63 2.08 3.87
C GLY A 75 -3.09 2.24 4.27
N LEU A 76 -3.69 3.34 3.82
CA LEU A 76 -5.10 3.62 4.08
C LEU A 76 -5.93 2.96 2.99
N ARG A 77 -6.85 2.09 3.40
CA ARG A 77 -7.52 1.18 2.48
C ARG A 77 -8.87 1.67 1.98
N ASP A 78 -9.34 2.83 2.44
CA ASP A 78 -10.67 3.27 2.05
C ASP A 78 -10.77 3.46 0.54
N GLY A 79 -9.72 3.98 -0.10
CA GLY A 79 -9.77 4.19 -1.54
C GLY A 79 -9.95 2.89 -2.31
N TYR A 80 -9.29 1.82 -1.86
CA TYR A 80 -9.42 0.55 -2.56
C TYR A 80 -10.85 0.03 -2.53
N TYR A 81 -11.61 0.38 -1.50
CA TYR A 81 -12.93 -0.20 -1.29
C TYR A 81 -14.05 0.54 -2.01
N ILE A 82 -13.95 1.86 -2.16
CA ILE A 82 -15.08 2.64 -2.62
C ILE A 82 -15.54 2.14 -3.99
N GLN A 83 -16.85 2.09 -4.18
CA GLN A 83 -17.51 1.63 -5.40
C GLN A 83 -17.26 0.16 -5.68
N ALA A 84 -16.69 -0.58 -4.72
CA ALA A 84 -16.58 -2.02 -4.87
C ALA A 84 -17.96 -2.65 -4.89
N GLN A 85 -18.17 -3.56 -5.83
CA GLN A 85 -19.45 -4.22 -6.00
C GLN A 85 -19.46 -5.64 -5.45
N CYS A 86 -18.32 -6.16 -5.03
CA CYS A 86 -18.19 -7.48 -4.45
C CYS A 86 -16.80 -7.58 -3.82
N ALA A 87 -16.58 -8.63 -3.04
CA ALA A 87 -15.31 -8.76 -2.35
C ALA A 87 -15.03 -10.22 -2.03
N ILE A 88 -13.75 -10.51 -1.80
CA ILE A 88 -13.29 -11.81 -1.33
C ILE A 88 -12.39 -11.59 -0.12
N ILE A 89 -12.69 -12.27 0.97
CA ILE A 89 -11.85 -12.29 2.16
C ILE A 89 -11.10 -13.61 2.17
N MSE A 90 -9.79 -13.55 2.47
CA MSE A 90 -8.98 -14.75 2.45
C MSE A 90 -8.14 -14.94 3.71
O MSE A 90 -7.65 -13.97 4.31
CB MSE A 90 -8.04 -14.72 1.23
CG MSE A 90 -7.30 -16.03 1.00
SE MSE A 90 -6.58 -16.16 -0.80
CE MSE A 90 -8.25 -16.26 -1.80
H MSE A 90 -9.37 -12.82 2.67
HA MSE A 90 -9.58 -15.51 2.38
HB2 MSE A 90 -8.58 -14.55 0.44
HB3 MSE A 90 -7.39 -14.03 1.36
HG2 MSE A 90 -6.56 -16.08 1.63
HG3 MSE A 90 -7.91 -16.77 1.14
HE1 MSE A 90 -8.06 -16.48 -2.71
HE2 MSE A 90 -8.82 -16.94 -1.40
HE3 MSE A 90 -8.70 -15.40 -1.75
N PHE A 91 -7.98 -16.20 4.13
CA PHE A 91 -7.11 -16.56 5.22
C PHE A 91 -6.38 -17.85 4.87
N ASP A 92 -5.47 -18.27 5.75
CA ASP A 92 -4.59 -19.40 5.52
C ASP A 92 -4.93 -20.48 6.54
N VAL A 93 -5.37 -21.64 6.06
CA VAL A 93 -5.80 -22.70 6.97
C VAL A 93 -4.66 -23.31 7.75
N THR A 94 -3.40 -22.96 7.43
CA THR A 94 -2.25 -23.39 8.20
C THR A 94 -1.77 -22.32 9.17
N SER A 95 -2.55 -21.25 9.36
CA SER A 95 -2.17 -20.14 10.24
C SER A 95 -3.45 -19.65 10.91
N ARG A 96 -3.66 -20.06 12.16
CA ARG A 96 -4.93 -19.77 12.83
C ARG A 96 -5.14 -18.27 13.01
N VAL A 97 -4.07 -17.48 13.10
CA VAL A 97 -4.23 -16.05 13.33
C VAL A 97 -4.93 -15.39 12.15
N THR A 98 -4.60 -15.82 10.93
CA THR A 98 -5.23 -15.22 9.75
C THR A 98 -6.74 -15.41 9.76
N TYR A 99 -7.22 -16.49 10.38
CA TYR A 99 -8.65 -16.69 10.51
C TYR A 99 -9.24 -15.88 11.66
N LYS A 100 -8.46 -15.65 12.72
CA LYS A 100 -8.93 -14.83 13.82
C LYS A 100 -9.19 -13.40 13.37
N ASN A 101 -8.48 -12.93 12.35
CA ASN A 101 -8.62 -11.56 11.86
C ASN A 101 -9.68 -11.40 10.79
N VAL A 102 -10.31 -12.49 10.35
CA VAL A 102 -11.35 -12.39 9.32
C VAL A 102 -12.44 -11.39 9.72
N PRO A 103 -12.97 -11.41 10.95
CA PRO A 103 -13.99 -10.41 11.31
C PRO A 103 -13.53 -8.98 11.14
N ASN A 104 -12.23 -8.70 11.36
CA ASN A 104 -11.75 -7.34 11.19
C ASN A 104 -11.82 -6.91 9.72
N TRP A 105 -11.41 -7.80 8.81
CA TRP A 105 -11.54 -7.48 7.38
C TRP A 105 -13.00 -7.33 6.99
N HIS A 106 -13.90 -8.10 7.61
CA HIS A 106 -15.32 -7.98 7.28
C HIS A 106 -15.88 -6.63 7.72
N ARG A 107 -15.48 -6.17 8.91
CA ARG A 107 -15.93 -4.85 9.37
C ARG A 107 -15.51 -3.76 8.41
N ASP A 108 -14.20 -3.71 8.08
CA ASP A 108 -13.71 -2.67 7.19
C ASP A 108 -14.49 -2.64 5.87
N LEU A 109 -14.82 -3.82 5.33
CA LEU A 109 -15.55 -3.85 4.07
C LEU A 109 -16.97 -3.33 4.22
N VAL A 110 -17.66 -3.72 5.29
CA VAL A 110 -19.05 -3.28 5.46
C VAL A 110 -19.11 -1.80 5.82
N ARG A 111 -18.04 -1.26 6.41
CA ARG A 111 -18.01 0.15 6.75
C ARG A 111 -18.02 1.03 5.50
N VAL A 112 -17.34 0.59 4.44
CA VAL A 112 -17.18 1.41 3.25
C VAL A 112 -18.10 0.98 2.11
N CYS A 113 -18.48 -0.31 2.08
CA CYS A 113 -19.23 -0.85 0.95
C CYS A 113 -20.65 -1.30 1.28
N GLU A 114 -21.00 -1.46 2.56
CA GLU A 114 -22.35 -1.85 3.02
C GLU A 114 -22.66 -3.26 2.50
N ASN A 115 -23.83 -3.48 1.89
CA ASN A 115 -24.28 -4.83 1.56
C ASN A 115 -23.74 -5.24 0.19
N ILE A 116 -22.54 -5.80 0.17
CA ILE A 116 -21.98 -6.34 -1.06
C ILE A 116 -21.83 -7.85 -0.90
N PRO A 117 -21.97 -8.65 -1.96
CA PRO A 117 -21.72 -10.10 -1.82
C PRO A 117 -20.25 -10.37 -1.56
N ILE A 118 -19.98 -11.20 -0.56
CA ILE A 118 -18.62 -11.49 -0.13
C ILE A 118 -18.45 -13.00 -0.03
N VAL A 119 -17.26 -13.48 -0.41
CA VAL A 119 -16.91 -14.89 -0.29
C VAL A 119 -15.75 -15.00 0.69
N LEU A 120 -15.84 -15.97 1.59
CA LEU A 120 -14.74 -16.32 2.48
C LEU A 120 -14.02 -17.53 1.90
N CYS A 121 -12.70 -17.42 1.76
CA CYS A 121 -11.88 -18.46 1.15
C CYS A 121 -10.76 -18.85 2.09
N GLY A 122 -10.75 -20.11 2.51
CA GLY A 122 -9.64 -20.66 3.27
C GLY A 122 -8.62 -21.33 2.36
N ASN A 123 -7.46 -20.71 2.22
CA ASN A 123 -6.47 -21.12 1.22
C ASN A 123 -5.50 -22.17 1.79
N LYS A 124 -4.70 -22.73 0.90
CA LYS A 124 -3.62 -23.65 1.24
C LYS A 124 -4.16 -24.94 1.87
N VAL A 125 -5.30 -25.43 1.36
CA VAL A 125 -5.81 -26.71 1.82
C VAL A 125 -5.05 -27.87 1.21
N ASP A 126 -4.11 -27.60 0.30
CA ASP A 126 -3.22 -28.63 -0.23
C ASP A 126 -2.22 -29.11 0.81
N ILE A 127 -2.04 -28.36 1.89
CA ILE A 127 -1.03 -28.67 2.90
C ILE A 127 -1.61 -29.63 3.91
N LYS A 128 -0.80 -30.63 4.29
CA LYS A 128 -1.31 -31.73 5.10
C LYS A 128 -1.69 -31.27 6.50
N ASP A 129 -0.77 -30.61 7.20
CA ASP A 129 -1.02 -30.21 8.59
C ASP A 129 -1.91 -28.97 8.58
N ARG A 130 -3.22 -29.22 8.52
CA ARG A 130 -4.21 -28.15 8.52
C ARG A 130 -4.55 -27.75 9.94
N LYS A 131 -4.57 -26.44 10.20
CA LYS A 131 -4.83 -25.90 11.53
C LYS A 131 -6.25 -25.37 11.68
N VAL A 132 -6.81 -24.74 10.65
CA VAL A 132 -8.17 -24.21 10.67
C VAL A 132 -9.05 -25.20 9.91
N LYS A 133 -9.72 -26.10 10.62
CA LYS A 133 -10.52 -27.14 9.99
C LYS A 133 -11.95 -26.64 9.74
N ALA A 134 -12.66 -27.36 8.86
CA ALA A 134 -13.97 -26.90 8.41
C ALA A 134 -14.97 -26.85 9.55
N LYS A 135 -14.97 -27.85 10.42
CA LYS A 135 -15.90 -27.83 11.55
C LYS A 135 -15.69 -26.59 12.40
N SER A 136 -14.44 -26.14 12.53
CA SER A 136 -14.14 -24.95 13.30
C SER A 136 -14.57 -23.67 12.60
N ILE A 137 -14.73 -23.68 11.29
CA ILE A 137 -15.09 -22.49 10.53
C ILE A 137 -16.60 -22.32 10.59
N VAL A 138 -17.08 -21.29 11.30
CA VAL A 138 -18.50 -21.07 11.49
C VAL A 138 -18.85 -19.59 11.38
N PHE A 139 -17.93 -18.80 10.81
CA PHE A 139 -18.16 -17.36 10.70
C PHE A 139 -19.31 -17.03 9.77
N HIS A 140 -19.38 -17.69 8.61
CA HIS A 140 -20.41 -17.37 7.63
C HIS A 140 -21.78 -17.84 8.13
N ARG A 141 -22.73 -16.90 8.19
CA ARG A 141 -24.10 -17.17 8.63
C ARG A 141 -25.15 -16.43 7.81
N LYS A 142 -24.80 -15.41 7.02
CA LYS A 142 -25.74 -14.52 6.35
C LYS A 142 -26.04 -14.98 4.92
N LYS A 143 -27.01 -14.29 4.29
CA LYS A 143 -27.40 -14.59 2.92
C LYS A 143 -26.43 -14.01 1.89
N ASN A 144 -25.67 -12.96 2.24
CA ASN A 144 -24.72 -12.34 1.32
C ASN A 144 -23.29 -12.79 1.58
N LEU A 145 -23.08 -13.84 2.38
CA LEU A 145 -21.76 -14.38 2.67
C LEU A 145 -21.72 -15.85 2.32
N GLN A 146 -20.57 -16.29 1.81
CA GLN A 146 -20.38 -17.67 1.38
C GLN A 146 -18.96 -18.09 1.75
N TYR A 147 -18.77 -19.40 1.90
CA TYR A 147 -17.46 -19.93 2.21
C TYR A 147 -17.07 -21.04 1.24
N TYR A 148 -15.78 -21.10 0.93
CA TYR A 148 -15.20 -22.18 0.13
C TYR A 148 -13.80 -22.48 0.63
N ASP A 149 -13.45 -23.76 0.69
CA ASP A 149 -12.06 -24.17 0.75
C ASP A 149 -11.44 -24.03 -0.64
N ILE A 150 -10.23 -23.51 -0.70
CA ILE A 150 -9.50 -23.41 -1.96
C ILE A 150 -8.03 -23.71 -1.73
N SER A 151 -7.33 -24.01 -2.82
CA SER A 151 -5.87 -24.07 -2.84
C SER A 151 -5.40 -23.46 -4.14
N ALA A 152 -4.74 -22.30 -4.06
CA ALA A 152 -4.17 -21.68 -5.24
C ALA A 152 -3.01 -22.48 -5.82
N LYS A 153 -2.53 -23.49 -5.12
CA LYS A 153 -1.46 -24.34 -5.63
C LYS A 153 -2.01 -25.54 -6.40
N SER A 154 -2.98 -26.24 -5.82
CA SER A 154 -3.61 -27.39 -6.46
C SER A 154 -4.86 -27.00 -7.25
N ASN A 155 -5.28 -25.74 -7.21
CA ASN A 155 -6.45 -25.25 -7.93
C ASN A 155 -7.72 -25.99 -7.48
N TYR A 156 -7.84 -26.21 -6.17
CA TYR A 156 -9.05 -26.78 -5.60
C TYR A 156 -10.12 -25.69 -5.48
N ASN A 157 -11.32 -26.00 -5.96
CA ASN A 157 -12.40 -25.00 -6.03
C ASN A 157 -11.93 -23.76 -6.78
N PHE A 158 -11.19 -23.98 -7.86
CA PHE A 158 -10.60 -22.91 -8.66
C PHE A 158 -11.59 -21.78 -8.95
N GLU A 159 -12.71 -22.09 -9.60
CA GLU A 159 -13.62 -21.07 -10.10
C GLU A 159 -14.83 -20.84 -9.19
N LYS A 160 -14.88 -21.48 -8.02
CA LYS A 160 -16.06 -21.36 -7.18
C LYS A 160 -16.27 -19.95 -6.66
N PRO A 161 -15.27 -19.28 -6.06
CA PRO A 161 -15.52 -17.93 -5.54
C PRO A 161 -16.10 -16.98 -6.56
N PHE A 162 -15.56 -16.99 -7.79
CA PHE A 162 -16.05 -16.09 -8.83
C PHE A 162 -17.41 -16.51 -9.34
N LEU A 163 -17.64 -17.82 -9.47
CA LEU A 163 -18.93 -18.30 -9.96
C LEU A 163 -20.05 -17.89 -9.02
N TRP A 164 -19.81 -17.96 -7.71
CA TRP A 164 -20.85 -17.57 -6.76
C TRP A 164 -21.09 -16.07 -6.81
N LEU A 165 -20.04 -15.27 -6.93
CA LEU A 165 -20.22 -13.82 -7.02
C LEU A 165 -20.95 -13.45 -8.30
N ALA A 166 -20.64 -14.13 -9.41
CA ALA A 166 -21.29 -13.81 -10.69
C ALA A 166 -22.77 -14.12 -10.65
N ARG A 167 -23.15 -15.20 -9.94
CA ARG A 167 -24.57 -15.53 -9.83
C ARG A 167 -25.32 -14.49 -9.00
N LYS A 168 -24.73 -14.04 -7.91
CA LYS A 168 -25.37 -13.01 -7.09
C LYS A 168 -25.44 -11.69 -7.84
N LEU A 169 -24.35 -11.29 -8.51
CA LEU A 169 -24.33 -10.01 -9.20
C LEU A 169 -25.25 -10.00 -10.41
N ILE A 170 -25.41 -11.13 -11.09
CA ILE A 170 -26.28 -11.19 -12.26
C ILE A 170 -27.72 -11.54 -11.89
N GLY A 171 -27.94 -12.16 -10.73
CA GLY A 171 -29.27 -12.56 -10.34
C GLY A 171 -29.75 -13.84 -10.98
N ASP A 172 -28.83 -14.72 -11.35
CA ASP A 172 -29.17 -15.97 -12.04
C ASP A 172 -28.52 -17.12 -11.27
N PRO A 173 -29.27 -17.81 -10.41
CA PRO A 173 -28.67 -18.92 -9.65
C PRO A 173 -28.13 -20.03 -10.53
N ASN A 174 -28.51 -20.08 -11.79
CA ASN A 174 -28.14 -21.16 -12.69
C ASN A 174 -27.05 -20.77 -13.68
N LEU A 175 -26.52 -19.56 -13.59
CA LEU A 175 -25.43 -19.16 -14.46
C LEU A 175 -24.25 -20.10 -14.31
N GLU A 176 -23.62 -20.45 -15.43
CA GLU A 176 -22.50 -21.39 -15.46
C GLU A 176 -21.35 -20.79 -16.25
N PHE A 177 -20.13 -21.05 -15.78
CA PHE A 177 -18.94 -20.70 -16.53
C PHE A 177 -18.69 -21.73 -17.64
N VAL A 178 -18.15 -21.26 -18.75
CA VAL A 178 -17.85 -22.10 -19.90
C VAL A 178 -16.45 -21.75 -20.40
N ALA A 179 -15.88 -22.67 -21.17
CA ALA A 179 -14.55 -22.47 -21.71
C ALA A 179 -14.59 -21.47 -22.87
N MSE A 180 -13.48 -20.77 -23.06
CA MSE A 180 -13.32 -19.86 -24.19
C MSE A 180 -12.82 -20.64 -25.39
O MSE A 180 -11.84 -21.37 -25.29
CB MSE A 180 -12.35 -18.73 -23.84
CG MSE A 180 -11.99 -17.82 -24.99
SE MSE A 180 -10.63 -16.51 -24.50
CE MSE A 180 -9.99 -16.02 -26.28
H MSE A 180 -12.80 -20.79 -22.54
HA MSE A 180 -14.16 -19.44 -24.41
HB2 MSE A 180 -12.76 -18.18 -23.15
HB3 MSE A 180 -11.53 -19.12 -23.50
HG2 MSE A 180 -11.64 -18.36 -25.72
HG3 MSE A 180 -12.79 -17.34 -25.29
HE1 MSE A 180 -9.28 -15.36 -26.19
HE2 MSE A 180 -9.64 -16.82 -26.72
HE3 MSE A 180 -10.73 -15.65 -26.79
N PRO A 181 -13.49 -20.50 -26.55
CA PRO A 181 -13.01 -21.19 -27.74
C PRO A 181 -11.63 -20.71 -28.15
N ALA A 182 -10.80 -21.63 -28.63
CA ALA A 182 -9.44 -21.33 -29.07
C ALA A 182 -9.47 -21.19 -30.59
N LEU A 183 -9.72 -19.97 -31.07
CA LEU A 183 -9.75 -19.71 -32.49
C LEU A 183 -8.33 -19.58 -33.04
N ALA A 184 -8.17 -19.94 -34.31
CA ALA A 184 -6.84 -19.93 -34.92
C ALA A 184 -6.22 -18.55 -34.78
N PRO A 185 -4.99 -18.44 -34.26
CA PRO A 185 -4.37 -17.13 -34.09
C PRO A 185 -3.75 -16.65 -35.38
N PRO A 186 -3.19 -15.44 -35.41
CA PRO A 186 -2.46 -15.00 -36.59
C PRO A 186 -1.07 -15.60 -36.64
N GLU A 187 -0.66 -16.02 -37.84
CA GLU A 187 0.68 -16.54 -38.01
C GLU A 187 1.70 -15.42 -37.87
N VAL A 188 2.81 -15.71 -37.23
CA VAL A 188 3.88 -14.75 -36.99
C VAL A 188 5.11 -15.21 -37.75
N VAL A 189 5.54 -14.39 -38.72
CA VAL A 189 6.69 -14.72 -39.55
C VAL A 189 7.96 -14.33 -38.80
N MSE A 190 8.92 -15.26 -38.75
CA MSE A 190 10.20 -15.00 -38.10
C MSE A 190 11.32 -14.95 -39.13
O MSE A 190 11.22 -15.55 -40.21
CB MSE A 190 10.51 -16.07 -37.06
CG MSE A 190 11.34 -15.57 -35.89
SE MSE A 190 11.88 -16.98 -34.64
CE MSE A 190 10.16 -17.84 -34.36
H MSE A 190 8.85 -16.05 -39.08
HA MSE A 190 10.15 -14.15 -37.64
HB2 MSE A 190 9.68 -16.41 -36.70
HB3 MSE A 190 11.01 -16.79 -37.48
HG2 MSE A 190 12.14 -15.15 -36.23
HG3 MSE A 190 10.82 -14.92 -35.39
HE1 MSE A 190 10.26 -18.55 -33.72
HE2 MSE A 190 9.53 -17.18 -34.02
HE3 MSE A 190 9.84 -18.19 -35.20
N ASP A 191 12.38 -14.23 -38.82
CA ASP A 191 13.53 -14.14 -39.73
C ASP A 191 14.24 -15.48 -39.77
N PRO A 192 14.49 -16.05 -40.96
CA PRO A 192 15.13 -17.38 -41.00
C PRO A 192 16.46 -17.43 -40.26
N ALA A 193 17.33 -16.45 -40.47
CA ALA A 193 18.61 -16.44 -39.76
C ALA A 193 18.40 -16.35 -38.26
N LEU A 194 17.52 -15.44 -37.82
CA LEU A 194 17.20 -15.34 -36.40
C LEU A 194 16.69 -16.68 -35.87
N ALA A 195 15.82 -17.35 -36.63
CA ALA A 195 15.33 -18.66 -36.21
C ALA A 195 16.47 -19.67 -36.11
N ALA A 196 17.40 -19.64 -37.07
CA ALA A 196 18.56 -20.51 -37.00
C ALA A 196 19.38 -20.22 -35.74
N GLN A 197 19.57 -18.94 -35.41
CA GLN A 197 20.33 -18.58 -34.23
C GLN A 197 19.63 -19.06 -32.96
N TYR A 198 18.30 -18.92 -32.90
CA TYR A 198 17.56 -19.40 -31.74
C TYR A 198 17.71 -20.91 -31.59
N GLU A 199 17.54 -21.66 -32.69
CA GLU A 199 17.64 -23.11 -32.60
C GLU A 199 19.06 -23.54 -32.23
N HIS A 200 20.06 -22.74 -32.56
CA HIS A 200 21.42 -23.04 -32.13
C HIS A 200 21.59 -22.74 -30.64
N ASP A 201 21.16 -21.56 -30.20
CA ASP A 201 21.24 -21.23 -28.79
C ASP A 201 20.55 -22.29 -27.94
N LEU A 202 19.39 -22.78 -28.39
CA LEU A 202 18.73 -23.88 -27.68
C LEU A 202 19.64 -25.11 -27.62
N GLU A 203 20.20 -25.51 -28.77
CA GLU A 203 20.95 -26.75 -28.81
C GLU A 203 22.19 -26.70 -27.93
N VAL A 204 22.91 -25.59 -27.93
CA VAL A 204 24.13 -25.46 -27.13
C VAL A 204 23.89 -24.69 -25.83
N ALA A 205 23.32 -23.49 -25.92
CA ALA A 205 23.16 -22.64 -24.74
C ALA A 205 22.09 -23.23 -23.84
N GLN A 206 22.53 -23.84 -22.74
CA GLN A 206 21.64 -24.38 -21.71
C GLN A 206 21.98 -23.72 -20.37
N THR A 207 22.23 -22.42 -20.41
CA THR A 207 22.63 -21.68 -19.21
C THR A 207 21.59 -21.84 -18.11
N THR A 208 20.32 -21.63 -18.43
CA THR A 208 19.26 -21.79 -17.45
C THR A 208 19.03 -23.27 -17.15
N ALA A 209 19.00 -23.61 -15.88
CA ALA A 209 18.79 -25.01 -15.48
C ALA A 209 17.35 -25.42 -15.72
N LEU A 210 17.16 -26.61 -16.25
CA LEU A 210 15.81 -27.15 -16.43
C LEU A 210 15.15 -27.27 -15.06
N PRO A 211 13.86 -26.96 -14.95
CA PRO A 211 13.20 -27.03 -13.64
C PRO A 211 13.27 -28.44 -13.06
N ASP A 212 13.09 -28.51 -11.74
CA ASP A 212 13.11 -29.80 -11.05
C ASP A 212 11.93 -30.64 -11.50
N GLU A 213 12.12 -31.96 -11.48
CA GLU A 213 11.14 -32.90 -12.03
C GLU A 213 10.19 -33.37 -10.93
N ASP A 214 9.19 -32.54 -10.65
CA ASP A 214 8.07 -33.00 -9.84
C ASP A 214 7.21 -33.92 -10.68
N ASP A 215 6.80 -35.05 -10.11
CA ASP A 215 5.97 -36.00 -10.85
C ASP A 215 4.49 -35.63 -10.71
N ASP A 216 4.21 -34.39 -11.11
CA ASP A 216 2.84 -33.87 -11.03
C ASP A 216 1.96 -34.46 -12.11
N LEU A 217 2.51 -34.67 -13.31
CA LEU A 217 1.74 -35.19 -14.43
C LEU A 217 1.43 -36.67 -14.25
N GLU B 9 -6.65 -35.36 5.31
CA GLU B 9 -5.87 -35.44 4.08
C GLU B 9 -6.37 -34.39 3.07
N PRO B 10 -5.46 -33.78 2.32
CA PRO B 10 -5.86 -32.75 1.34
C PRO B 10 -6.92 -33.27 0.40
N PRO B 11 -7.95 -32.48 0.09
CA PRO B 11 -9.01 -32.97 -0.80
C PRO B 11 -8.51 -33.24 -2.20
N LYS B 12 -9.10 -34.26 -2.82
CA LYS B 12 -8.84 -34.54 -4.22
C LYS B 12 -9.37 -33.41 -5.10
N VAL B 13 -8.68 -33.18 -6.22
CA VAL B 13 -9.06 -32.16 -7.19
C VAL B 13 -9.62 -32.87 -8.41
N VAL B 14 -10.92 -32.72 -8.64
CA VAL B 14 -11.61 -33.35 -9.76
C VAL B 14 -11.84 -32.30 -10.84
N VAL B 15 -11.50 -32.63 -12.08
CA VAL B 15 -11.61 -31.73 -13.20
C VAL B 15 -12.31 -32.44 -14.35
N THR B 16 -13.38 -31.83 -14.86
CA THR B 16 -13.99 -32.27 -16.10
C THR B 16 -13.22 -31.60 -17.25
N GLU B 17 -12.37 -32.37 -17.90
CA GLU B 17 -11.47 -31.79 -18.91
C GLU B 17 -12.27 -31.15 -20.03
N VAL B 18 -11.77 -30.01 -20.52
CA VAL B 18 -12.32 -29.39 -21.72
C VAL B 18 -11.81 -30.16 -22.93
N LYS B 19 -12.73 -30.75 -23.69
CA LYS B 19 -12.37 -31.60 -24.80
C LYS B 19 -12.28 -30.80 -26.09
N GLU B 20 -11.34 -31.20 -26.94
CA GLU B 20 -11.13 -30.62 -28.27
C GLU B 20 -11.29 -31.75 -29.29
N GLU B 21 -12.53 -32.00 -29.72
CA GLU B 21 -12.79 -33.11 -30.61
C GLU B 21 -12.01 -32.98 -31.92
N ASP B 22 -11.68 -31.75 -32.32
CA ASP B 22 -11.03 -31.54 -33.61
C ASP B 22 -9.53 -31.72 -33.57
N ALA B 23 -8.93 -32.00 -32.41
CA ALA B 23 -7.50 -32.18 -32.32
C ALA B 23 -7.11 -33.59 -32.76
N PHE B 24 -6.00 -33.69 -33.49
CA PHE B 24 -5.44 -34.97 -33.88
C PHE B 24 -4.29 -35.41 -32.98
N TYR B 25 -3.93 -34.61 -31.98
CA TYR B 25 -2.95 -35.01 -30.98
C TYR B 25 -3.27 -34.26 -29.69
N SER B 26 -3.18 -34.97 -28.56
CA SER B 26 -3.49 -34.38 -27.27
C SER B 26 -2.71 -35.11 -26.19
N LYS B 27 -1.89 -34.39 -25.44
CA LYS B 27 -1.07 -34.97 -24.38
C LYS B 27 -1.03 -34.04 -23.18
N LYS B 28 -1.23 -34.60 -21.99
CA LYS B 28 -1.07 -33.83 -20.76
C LYS B 28 0.37 -33.36 -20.62
N CYS B 29 0.56 -32.18 -20.05
CA CYS B 29 1.88 -31.57 -20.02
C CYS B 29 1.95 -30.53 -18.92
N LYS B 30 3.15 -29.98 -18.72
CA LYS B 30 3.39 -28.85 -17.84
C LYS B 30 4.25 -27.85 -18.59
N LEU B 31 3.85 -26.58 -18.57
CA LEU B 31 4.43 -25.53 -19.40
C LEU B 31 5.26 -24.56 -18.57
N PHE B 32 6.38 -24.11 -19.14
CA PHE B 32 7.25 -23.14 -18.50
C PHE B 32 7.72 -22.13 -19.56
N TYR B 33 8.13 -20.94 -19.09
CA TYR B 33 8.63 -19.88 -19.97
C TYR B 33 9.83 -19.19 -19.32
N LYS B 34 10.86 -18.90 -20.12
CA LYS B 34 12.13 -18.37 -19.61
C LYS B 34 12.07 -16.84 -19.51
N LYS B 35 12.23 -16.35 -18.28
CA LYS B 35 12.30 -14.93 -17.95
C LYS B 35 13.46 -14.76 -16.97
N ASP B 36 14.18 -13.64 -17.08
CA ASP B 36 15.41 -13.44 -16.32
C ASP B 36 16.31 -14.63 -16.65
N ASN B 37 16.69 -15.48 -15.69
CA ASN B 37 17.42 -16.71 -15.97
C ASN B 37 16.75 -17.88 -15.26
N GLU B 38 15.43 -17.96 -15.35
CA GLU B 38 14.65 -19.04 -14.74
C GLU B 38 13.50 -19.43 -15.65
N PHE B 39 13.04 -20.67 -15.52
CA PHE B 39 11.87 -21.17 -16.25
C PHE B 39 10.67 -21.11 -15.30
N LYS B 40 9.82 -20.10 -15.49
CA LYS B 40 8.70 -19.86 -14.59
C LYS B 40 7.51 -20.73 -14.99
N GLU B 41 6.86 -21.32 -13.98
CA GLU B 41 5.73 -22.21 -14.23
C GLU B 41 4.57 -21.44 -14.85
N LYS B 42 3.96 -22.05 -15.88
CA LYS B 42 2.72 -21.54 -16.45
C LYS B 42 1.51 -22.41 -16.11
N GLY B 43 1.73 -23.64 -15.66
CA GLY B 43 0.67 -24.50 -15.18
C GLY B 43 0.66 -25.84 -15.88
N ILE B 44 -0.08 -26.77 -15.27
CA ILE B 44 -0.34 -28.07 -15.87
C ILE B 44 -1.53 -27.93 -16.81
N GLY B 45 -1.48 -28.63 -17.94
CA GLY B 45 -2.54 -28.54 -18.91
C GLY B 45 -2.50 -29.68 -19.90
N THR B 46 -3.13 -29.46 -21.05
CA THR B 46 -3.16 -30.43 -22.13
C THR B 46 -2.80 -29.73 -23.43
N LEU B 47 -1.77 -30.22 -24.10
CA LEU B 47 -1.35 -29.69 -25.39
C LEU B 47 -2.18 -30.32 -26.49
N HIS B 48 -2.75 -29.49 -27.36
CA HIS B 48 -3.59 -29.93 -28.47
C HIS B 48 -3.01 -29.45 -29.78
N LEU B 49 -3.02 -30.33 -30.78
CA LEU B 49 -2.71 -29.99 -32.17
C LEU B 49 -3.99 -30.14 -32.98
N LYS B 50 -4.44 -29.04 -33.59
CA LYS B 50 -5.72 -28.98 -34.28
C LYS B 50 -5.54 -28.55 -35.74
N PRO B 51 -6.46 -28.93 -36.61
CA PRO B 51 -6.39 -28.50 -38.01
C PRO B 51 -6.82 -27.05 -38.17
N THR B 52 -6.45 -26.48 -39.32
CA THR B 52 -6.89 -25.16 -39.73
C THR B 52 -7.47 -25.24 -41.14
N ALA B 53 -7.99 -24.11 -41.63
CA ALA B 53 -8.50 -24.08 -43.00
C ALA B 53 -7.36 -24.22 -44.00
N ASN B 54 -6.15 -23.81 -43.63
CA ASN B 54 -4.96 -24.03 -44.45
C ASN B 54 -4.34 -25.38 -44.08
N GLN B 55 -3.11 -25.63 -44.52
CA GLN B 55 -2.37 -26.81 -44.09
C GLN B 55 -1.59 -26.56 -42.80
N LYS B 56 -1.66 -25.36 -42.26
CA LYS B 56 -1.00 -25.03 -41.00
C LYS B 56 -1.71 -25.70 -39.83
N THR B 57 -1.00 -25.84 -38.72
CA THR B 57 -1.49 -26.53 -37.53
C THR B 57 -1.51 -25.57 -36.35
N GLN B 58 -2.51 -25.75 -35.48
CA GLN B 58 -2.71 -24.88 -34.32
C GLN B 58 -2.18 -25.59 -33.07
N LEU B 59 -1.23 -24.94 -32.40
CA LEU B 59 -0.69 -25.45 -31.14
C LEU B 59 -1.45 -24.79 -29.98
N LEU B 60 -2.21 -25.58 -29.24
CA LEU B 60 -3.09 -25.08 -28.19
C LEU B 60 -2.79 -25.81 -26.88
N VAL B 61 -2.73 -25.06 -25.79
CA VAL B 61 -2.50 -25.61 -24.46
C VAL B 61 -3.57 -25.05 -23.53
N ARG B 62 -4.42 -25.93 -23.00
CA ARG B 62 -5.48 -25.56 -22.08
C ARG B 62 -5.15 -26.05 -20.67
N ALA B 63 -5.39 -25.19 -19.69
CA ALA B 63 -5.10 -25.53 -18.30
C ALA B 63 -5.96 -26.68 -17.83
N ASP B 64 -5.45 -27.39 -16.81
CA ASP B 64 -6.14 -28.55 -16.23
C ASP B 64 -7.21 -28.10 -15.24
N THR B 65 -8.14 -27.29 -15.74
CA THR B 65 -9.25 -26.77 -14.95
C THR B 65 -10.55 -26.99 -15.71
N ASN B 66 -11.67 -26.78 -15.01
CA ASN B 66 -12.97 -26.90 -15.66
C ASN B 66 -13.17 -25.85 -16.75
N LEU B 67 -12.43 -24.74 -16.68
CA LEU B 67 -12.58 -23.66 -17.65
C LEU B 67 -11.63 -23.79 -18.83
N GLY B 68 -10.60 -24.62 -18.73
CA GLY B 68 -9.69 -24.84 -19.83
C GLY B 68 -8.96 -23.58 -20.25
N ASN B 69 -8.40 -22.86 -19.29
CA ASN B 69 -7.72 -21.60 -19.57
C ASN B 69 -6.69 -21.78 -20.66
N ILE B 70 -6.75 -20.90 -21.66
CA ILE B 70 -5.84 -20.96 -22.82
C ILE B 70 -4.50 -20.40 -22.35
N LEU B 71 -3.53 -21.30 -22.16
CA LEU B 71 -2.18 -20.87 -21.78
C LEU B 71 -1.35 -20.51 -23.01
N LEU B 72 -1.55 -21.20 -24.12
CA LEU B 72 -0.84 -20.93 -25.35
C LEU B 72 -1.75 -21.22 -26.54
N ASN B 73 -1.65 -20.40 -27.58
CA ASN B 73 -2.43 -20.59 -28.80
C ASN B 73 -1.65 -19.95 -29.94
N VAL B 74 -1.01 -20.79 -30.76
CA VAL B 74 -0.09 -20.31 -31.79
C VAL B 74 -0.11 -21.27 -32.97
N LEU B 75 -0.10 -20.71 -34.17
CA LEU B 75 0.20 -21.49 -35.36
C LEU B 75 1.67 -21.88 -35.35
N ILE B 76 1.96 -23.11 -35.77
CA ILE B 76 3.35 -23.59 -35.77
C ILE B 76 4.04 -23.02 -37.00
N PRO B 77 4.98 -22.09 -36.83
CA PRO B 77 5.64 -21.50 -38.00
C PRO B 77 6.64 -22.47 -38.61
N PRO B 78 7.00 -22.29 -39.88
CA PRO B 78 7.87 -23.28 -40.53
C PRO B 78 9.24 -23.39 -39.88
N ASN B 79 9.80 -22.29 -39.39
CA ASN B 79 11.14 -22.28 -38.83
C ASN B 79 11.14 -22.17 -37.31
N MSE B 80 10.09 -22.66 -36.66
CA MSE B 80 9.99 -22.68 -35.20
C MSE B 80 11.18 -23.43 -34.61
O MSE B 80 11.41 -24.59 -34.93
CB MSE B 80 8.70 -23.38 -34.74
CG MSE B 80 8.35 -23.18 -33.26
SE MSE B 80 6.73 -24.11 -32.61
CE MSE B 80 7.08 -25.99 -33.05
H MSE B 80 9.39 -23.00 -37.05
HA MSE B 80 9.98 -21.78 -34.87
HB2 MSE B 80 7.96 -23.02 -35.26
HB3 MSE B 80 8.77 -24.33 -34.90
HG2 MSE B 80 9.09 -23.51 -32.73
HG3 MSE B 80 8.22 -22.23 -33.10
HE1 MSE B 80 6.32 -26.54 -32.78
HE2 MSE B 80 7.22 -26.08 -34.01
HE3 MSE B 80 7.87 -26.29 -32.59
N PRO B 81 11.95 -22.79 -33.72
CA PRO B 81 12.95 -23.55 -32.96
C PRO B 81 12.28 -24.66 -32.18
N CYS B 82 12.81 -25.88 -32.32
CA CYS B 82 12.26 -27.05 -31.65
C CYS B 82 13.39 -28.02 -31.37
N THR B 83 13.67 -28.26 -30.09
CA THR B 83 14.78 -29.11 -29.67
C THR B 83 14.35 -30.00 -28.52
N ARG B 84 14.91 -31.21 -28.48
CA ARG B 84 14.66 -32.17 -27.40
C ARG B 84 15.75 -32.07 -26.34
N THR B 85 15.35 -31.83 -25.09
CA THR B 85 16.28 -31.71 -23.98
C THR B 85 15.69 -32.40 -22.75
N GLY B 86 16.57 -32.81 -21.83
CA GLY B 86 16.14 -33.34 -20.54
C GLY B 86 15.63 -34.77 -20.59
N LYS B 87 15.04 -35.18 -19.44
CA LYS B 87 14.41 -36.49 -19.37
C LYS B 87 13.13 -36.54 -20.19
N ASN B 88 12.30 -35.50 -20.09
CA ASN B 88 10.95 -35.49 -20.65
C ASN B 88 10.53 -34.05 -20.96
N ASN B 89 11.23 -33.42 -21.91
CA ASN B 89 11.00 -32.01 -22.21
C ASN B 89 11.20 -31.74 -23.70
N VAL B 90 10.57 -30.66 -24.19
CA VAL B 90 10.71 -30.21 -25.57
C VAL B 90 10.70 -28.69 -25.59
N LEU B 91 11.79 -28.09 -26.08
CA LEU B 91 11.94 -26.63 -26.10
C LEU B 91 11.45 -26.05 -27.42
N ILE B 92 10.86 -24.85 -27.35
CA ILE B 92 10.44 -24.12 -28.54
C ILE B 92 10.59 -22.62 -28.27
N VAL B 93 10.62 -21.85 -29.36
CA VAL B 93 10.64 -20.40 -29.31
C VAL B 93 9.53 -19.89 -30.22
N CYS B 94 8.73 -18.97 -29.71
CA CYS B 94 7.60 -18.42 -30.46
C CYS B 94 7.16 -17.13 -29.81
N VAL B 95 6.47 -16.31 -30.59
CA VAL B 95 5.85 -15.09 -30.07
C VAL B 95 4.58 -15.51 -29.32
N PRO B 96 4.58 -15.47 -27.98
CA PRO B 96 3.46 -16.09 -27.25
C PRO B 96 2.13 -15.41 -27.55
N ASN B 97 1.10 -16.22 -27.72
CA ASN B 97 -0.28 -15.77 -27.71
C ASN B 97 -1.09 -16.74 -26.86
N PRO B 98 -1.75 -16.29 -25.78
CA PRO B 98 -1.81 -14.91 -25.26
C PRO B 98 -0.45 -14.37 -24.80
N PRO B 99 -0.26 -13.05 -24.90
CA PRO B 99 1.05 -12.46 -24.55
C PRO B 99 1.44 -12.76 -23.11
N ILE B 100 2.75 -12.90 -22.89
CA ILE B 100 3.29 -13.03 -21.55
C ILE B 100 3.76 -11.68 -21.01
N ASP B 101 4.32 -10.83 -21.86
CA ASP B 101 4.62 -9.44 -21.53
C ASP B 101 3.84 -8.55 -22.49
N GLU B 102 2.86 -7.81 -21.96
CA GLU B 102 2.03 -6.99 -22.83
C GLU B 102 2.83 -5.88 -23.50
N LYS B 103 3.85 -5.36 -22.83
CA LYS B 103 4.64 -4.27 -23.39
C LYS B 103 5.40 -4.70 -24.63
N ASN B 104 6.01 -5.90 -24.61
CA ASN B 104 6.85 -6.38 -25.72
C ASN B 104 6.33 -7.75 -26.16
N ALA B 105 5.13 -7.76 -26.74
CA ALA B 105 4.53 -9.00 -27.20
C ALA B 105 5.33 -9.61 -28.35
N THR B 106 5.90 -8.77 -29.23
CA THR B 106 6.49 -9.27 -30.46
C THR B 106 7.76 -10.09 -30.21
N MSE B 107 8.46 -9.84 -29.11
N MSE B 107 8.46 -9.85 -29.11
CA MSE B 107 9.67 -10.58 -28.78
CA MSE B 107 9.68 -10.59 -28.81
C MSE B 107 9.40 -12.07 -28.56
C MSE B 107 9.40 -12.07 -28.57
O MSE B 107 8.59 -12.42 -27.70
O MSE B 107 8.60 -12.41 -27.70
CB MSE B 107 10.30 -9.95 -27.52
CB MSE B 107 10.38 -10.01 -27.58
CG MSE B 107 11.72 -10.39 -27.22
CG MSE B 107 10.87 -8.58 -27.70
SE MSE B 107 12.31 -9.99 -25.39
SE MSE B 107 12.11 -8.23 -29.19
CE MSE B 107 12.05 -8.05 -25.31
CE MSE B 107 13.29 -9.78 -29.10
H MSE B 107 8.24 -9.25 -28.52
H MSE B 107 8.24 -9.25 -28.52
HA MSE B 107 10.31 -10.50 -29.51
HA MSE B 107 10.27 -10.50 -29.57
HB2 MSE B 107 10.32 -9.00 -27.63
HB2 MSE B 107 9.76 -10.04 -26.84
HB3 MSE B 107 9.76 -10.20 -26.76
HB3 MSE B 107 11.16 -10.55 -27.39
HG2 MSE B 107 11.79 -11.36 -27.35
HG2 MSE B 107 10.09 -8.01 -27.85
HG3 MSE B 107 12.33 -9.94 -27.83
HG3 MSE B 107 11.32 -8.33 -26.88
HE1 MSE B 107 12.29 -7.74 -24.42
HE1 MSE B 107 13.96 -9.70 -29.81
HE2 MSE B 107 12.61 -7.63 -25.97
HE2 MSE B 107 13.73 -9.80 -28.24
HE3 MSE B 107 11.12 -7.85 -25.48
HE3 MSE B 107 12.77 -10.58 -29.24
N PRO B 108 10.05 -12.94 -29.33
CA PRO B 108 9.91 -14.38 -29.07
C PRO B 108 10.35 -14.76 -27.65
N VAL B 109 9.77 -15.85 -27.15
CA VAL B 109 10.04 -16.34 -25.81
C VAL B 109 10.39 -17.82 -25.89
N THR B 110 11.42 -18.23 -25.13
CA THR B 110 11.80 -19.63 -25.05
C THR B 110 10.88 -20.36 -24.10
N MSE B 111 10.37 -21.53 -24.52
CA MSE B 111 9.38 -22.24 -23.74
C MSE B 111 9.66 -23.73 -23.62
O MSE B 111 10.13 -24.37 -24.56
CB MSE B 111 7.99 -22.04 -24.36
CG MSE B 111 7.59 -20.60 -24.45
SE MSE B 111 5.69 -20.38 -24.76
CE MSE B 111 5.48 -18.71 -23.82
H MSE B 111 10.58 -21.90 -25.27
HA MSE B 111 9.39 -21.87 -22.84
HB2 MSE B 111 7.99 -22.42 -25.25
HB3 MSE B 111 7.33 -22.50 -23.81
HG2 MSE B 111 7.82 -20.14 -23.63
HG3 MSE B 111 8.06 -20.19 -25.20
HE1 MSE B 111 4.54 -18.47 -23.82
HE2 MSE B 111 5.78 -18.82 -22.90
HE3 MSE B 111 6.01 -18.03 -24.26
N LEU B 112 9.34 -24.28 -22.44
CA LEU B 112 9.63 -25.66 -22.09
C LEU B 112 8.33 -26.42 -21.91
N ILE B 113 8.17 -27.50 -22.67
CA ILE B 113 6.98 -28.35 -22.60
C ILE B 113 7.41 -29.67 -21.98
N ARG B 114 7.02 -29.90 -20.73
CA ARG B 114 7.28 -31.15 -20.05
C ARG B 114 6.13 -32.12 -20.29
N VAL B 115 6.45 -33.40 -20.36
CA VAL B 115 5.46 -34.47 -20.46
C VAL B 115 5.87 -35.57 -19.49
N LYS B 116 5.01 -36.57 -19.34
CA LYS B 116 5.21 -37.54 -18.26
C LYS B 116 6.45 -38.40 -18.49
N THR B 117 6.62 -38.94 -19.71
CA THR B 117 7.68 -39.90 -19.98
C THR B 117 8.60 -39.42 -21.09
N SER B 118 9.83 -39.97 -21.08
CA SER B 118 10.79 -39.65 -22.12
C SER B 118 10.30 -40.12 -23.48
N GLU B 119 9.64 -41.28 -23.52
CA GLU B 119 9.13 -41.81 -24.78
C GLU B 119 8.07 -40.87 -25.36
N ASP B 120 7.11 -40.43 -24.54
CA ASP B 120 6.08 -39.55 -25.08
C ASP B 120 6.59 -38.13 -25.26
N ALA B 121 7.72 -37.78 -24.62
CA ALA B 121 8.41 -36.55 -24.97
C ALA B 121 9.08 -36.66 -26.32
N ASP B 122 9.68 -37.82 -26.61
CA ASP B 122 10.25 -38.04 -27.94
C ASP B 122 9.17 -38.00 -29.01
N GLU B 123 7.96 -38.45 -28.69
CA GLU B 123 6.86 -38.41 -29.64
C GLU B 123 6.42 -36.98 -29.92
N LEU B 124 6.31 -36.16 -28.87
CA LEU B 124 5.92 -34.77 -29.07
C LEU B 124 6.92 -34.03 -29.95
N HIS B 125 8.21 -34.31 -29.76
CA HIS B 125 9.23 -33.68 -30.60
C HIS B 125 9.11 -34.11 -32.04
N LYS B 126 8.66 -35.34 -32.28
CA LYS B 126 8.54 -35.86 -33.63
C LYS B 126 7.43 -35.16 -34.40
N ILE B 127 6.21 -35.19 -33.85
CA ILE B 127 5.05 -34.69 -34.59
C ILE B 127 5.07 -33.18 -34.71
N LEU B 128 5.69 -32.47 -33.76
CA LEU B 128 5.87 -31.04 -33.92
C LEU B 128 6.76 -30.73 -35.12
N LEU B 129 7.92 -31.38 -35.20
CA LEU B 129 8.77 -31.20 -36.37
C LEU B 129 8.05 -31.59 -37.65
N GLU B 130 7.20 -32.62 -37.58
N GLU B 130 7.20 -32.62 -37.58
CA GLU B 130 6.45 -33.04 -38.77
CA GLU B 130 6.46 -33.04 -38.77
C GLU B 130 5.49 -31.95 -39.23
C GLU B 130 5.48 -31.97 -39.24
N LYS B 131 4.95 -31.16 -38.30
CA LYS B 131 3.97 -30.15 -38.65
C LYS B 131 4.59 -28.79 -38.95
N LYS B 132 5.84 -28.57 -38.58
CA LYS B 132 6.56 -27.41 -39.10
C LYS B 132 6.65 -27.48 -40.61
N ASP B 133 6.88 -28.68 -41.16
CA ASP B 133 7.03 -28.85 -42.59
C ASP B 133 5.72 -28.65 -43.32
N ALA B 134 4.62 -29.18 -42.78
CA ALA B 134 3.31 -29.06 -43.40
C ALA B 134 3.28 -29.78 -44.74
N GLN C 5 -17.02 22.02 15.00
CA GLN C 5 -16.49 20.68 14.76
C GLN C 5 -15.29 20.71 13.83
N GLY C 6 -15.37 21.57 12.81
CA GLY C 6 -14.31 21.68 11.84
C GLY C 6 -14.07 20.41 11.06
N GLU C 7 -15.14 19.85 10.48
CA GLU C 7 -15.00 18.67 9.65
C GLU C 7 -14.38 19.04 8.31
N PRO C 8 -13.44 18.25 7.80
CA PRO C 8 -12.87 18.55 6.47
C PRO C 8 -13.91 18.41 5.38
N GLN C 9 -13.99 19.42 4.51
CA GLN C 9 -14.95 19.40 3.42
C GLN C 9 -14.46 18.56 2.25
N VAL C 10 -13.14 18.52 2.04
CA VAL C 10 -12.55 17.74 0.95
C VAL C 10 -11.24 17.14 1.45
N GLN C 11 -10.87 15.99 0.88
CA GLN C 11 -9.62 15.33 1.20
C GLN C 11 -8.93 14.89 -0.09
N PHE C 12 -7.60 14.89 -0.05
CA PHE C 12 -6.78 14.53 -1.21
C PHE C 12 -5.73 13.53 -0.78
N LYS C 13 -5.44 12.57 -1.65
CA LYS C 13 -4.37 11.61 -1.42
C LYS C 13 -3.05 12.22 -1.91
N LEU C 14 -2.12 12.41 -0.99
CA LEU C 14 -0.80 12.96 -1.29
C LEU C 14 0.23 11.88 -1.01
N VAL C 15 1.03 11.55 -2.02
N VAL C 15 1.03 11.54 -2.02
CA VAL C 15 2.09 10.55 -1.89
CA VAL C 15 2.09 10.54 -1.89
C VAL C 15 3.42 11.27 -1.73
C VAL C 15 3.42 11.27 -1.73
N LEU C 16 4.18 10.86 -0.73
CA LEU C 16 5.46 11.49 -0.39
C LEU C 16 6.59 10.50 -0.71
N VAL C 17 7.44 10.89 -1.65
CA VAL C 17 8.51 10.02 -2.12
C VAL C 17 9.82 10.79 -2.10
N GLY C 18 10.92 10.04 -2.08
CA GLY C 18 12.25 10.61 -2.02
C GLY C 18 13.23 9.60 -1.47
N ASP C 19 14.50 9.81 -1.82
CA ASP C 19 15.55 8.91 -1.38
C ASP C 19 15.58 8.80 0.14
N GLY C 20 16.22 7.75 0.63
CA GLY C 20 16.31 7.54 2.06
C GLY C 20 17.22 8.57 2.72
N GLY C 21 16.83 8.99 3.92
CA GLY C 21 17.57 9.99 4.65
C GLY C 21 17.26 11.41 4.27
N THR C 22 16.39 11.64 3.28
CA THR C 22 16.10 13.00 2.85
C THR C 22 15.26 13.78 3.85
N GLY C 23 14.61 13.09 4.78
CA GLY C 23 13.82 13.73 5.80
C GLY C 23 12.32 13.72 5.59
N LYS C 24 11.79 12.74 4.86
CA LYS C 24 10.37 12.72 4.58
C LYS C 24 9.55 12.55 5.85
N THR C 25 9.90 11.55 6.67
CA THR C 25 9.14 11.28 7.88
C THR C 25 9.27 12.40 8.90
N THR C 26 10.43 13.07 8.93
CA THR C 26 10.60 14.18 9.85
C THR C 26 9.73 15.37 9.44
N PHE C 27 9.60 15.62 8.14
CA PHE C 27 8.75 16.71 7.67
C PHE C 27 7.30 16.50 8.08
N VAL C 28 6.80 15.27 7.95
CA VAL C 28 5.42 15.00 8.30
C VAL C 28 5.21 15.09 9.81
N LYS C 29 6.17 14.57 10.59
CA LYS C 29 5.99 14.58 12.04
C LYS C 29 5.91 16.00 12.59
N ARG C 30 6.64 16.94 11.98
CA ARG C 30 6.56 18.33 12.45
C ARG C 30 5.15 18.88 12.29
N HIS C 31 4.51 18.60 11.15
CA HIS C 31 3.13 19.05 10.96
C HIS C 31 2.17 18.29 11.86
N LEU C 32 2.45 17.01 12.14
CA LEU C 32 1.51 16.17 12.87
C LEU C 32 1.60 16.40 14.37
N THR C 33 2.81 16.51 14.91
CA THR C 33 3.01 16.63 16.35
C THR C 33 3.92 17.77 16.77
N GLY C 34 4.76 18.30 15.88
CA GLY C 34 5.76 19.28 16.24
C GLY C 34 7.09 18.72 16.67
N GLU C 35 7.20 17.40 16.79
CA GLU C 35 8.40 16.76 17.31
C GLU C 35 9.47 16.65 16.21
N PHE C 36 10.71 16.47 16.67
CA PHE C 36 11.86 16.33 15.77
C PHE C 36 12.81 15.30 16.36
N GLU C 37 12.92 14.15 15.70
CA GLU C 37 13.84 13.09 16.12
C GLU C 37 15.15 13.23 15.35
N LYS C 38 16.25 13.40 16.10
CA LYS C 38 17.56 13.39 15.46
C LYS C 38 17.88 12.01 14.88
N LYS C 39 17.42 10.95 15.53
CA LYS C 39 17.84 9.60 15.16
C LYS C 39 17.17 9.15 13.87
N TYR C 40 17.98 8.62 12.96
CA TYR C 40 17.48 8.12 11.67
C TYR C 40 16.94 6.72 11.88
N VAL C 41 15.62 6.57 11.74
CA VAL C 41 14.97 5.27 11.76
C VAL C 41 14.19 5.17 10.44
N ALA C 42 14.73 4.39 9.50
CA ALA C 42 14.12 4.31 8.17
C ALA C 42 12.69 3.81 8.27
N THR C 43 11.86 4.27 7.33
CA THR C 43 10.47 3.86 7.27
C THR C 43 10.35 2.48 6.64
N LEU C 44 9.51 1.64 7.23
CA LEU C 44 9.21 0.32 6.70
C LEU C 44 7.88 0.39 5.95
N GLY C 45 7.93 0.26 4.64
CA GLY C 45 6.73 0.28 3.83
C GLY C 45 6.18 1.67 3.61
N VAL C 46 4.99 1.94 4.14
CA VAL C 46 4.38 3.26 4.03
C VAL C 46 3.60 3.55 5.30
N GLU C 47 3.60 4.82 5.72
CA GLU C 47 2.81 5.28 6.84
C GLU C 47 1.92 6.42 6.34
N VAL C 48 0.62 6.26 6.45
CA VAL C 48 -0.34 7.27 6.01
C VAL C 48 -0.79 8.07 7.23
N HIS C 49 -0.59 9.39 7.16
CA HIS C 49 -0.98 10.29 8.22
C HIS C 49 -1.90 11.37 7.68
N PRO C 50 -3.01 11.66 8.35
CA PRO C 50 -3.85 12.79 7.92
C PRO C 50 -3.39 14.11 8.48
N LEU C 51 -3.18 15.10 7.62
CA LEU C 51 -2.90 16.47 8.02
C LEU C 51 -4.07 17.34 7.64
N VAL C 52 -4.61 18.07 8.61
CA VAL C 52 -5.75 18.96 8.39
C VAL C 52 -5.26 20.40 8.46
N PHE C 53 -5.50 21.15 7.38
CA PHE C 53 -5.24 22.58 7.34
C PHE C 53 -6.56 23.33 7.28
N HIS C 54 -6.65 24.42 8.04
CA HIS C 54 -7.83 25.27 8.05
C HIS C 54 -7.59 26.47 7.15
N THR C 55 -8.57 26.80 6.31
CA THR C 55 -8.40 27.82 5.29
C THR C 55 -9.60 28.74 5.26
N ASN C 56 -9.48 29.84 4.52
CA ASN C 56 -10.58 30.75 4.29
C ASN C 56 -11.69 30.13 3.46
N ARG C 57 -11.47 28.92 2.92
CA ARG C 57 -12.49 28.21 2.15
C ARG C 57 -12.88 26.89 2.82
N GLY C 58 -12.61 26.75 4.11
CA GLY C 58 -12.96 25.55 4.84
C GLY C 58 -11.76 24.65 5.06
N PRO C 59 -11.89 23.70 6.00
CA PRO C 59 -10.76 22.81 6.27
C PRO C 59 -10.49 21.86 5.12
N ILE C 60 -9.21 21.54 4.93
CA ILE C 60 -8.74 20.62 3.89
C ILE C 60 -7.88 19.56 4.54
N LYS C 61 -8.03 18.31 4.11
CA LYS C 61 -7.29 17.18 4.65
C LYS C 61 -6.41 16.57 3.56
N PHE C 62 -5.12 16.44 3.85
CA PHE C 62 -4.21 15.66 3.02
C PHE C 62 -3.94 14.33 3.72
N ASN C 63 -4.32 13.23 3.08
CA ASN C 63 -3.89 11.90 3.52
C ASN C 63 -2.51 11.66 2.93
N VAL C 64 -1.48 11.80 3.76
CA VAL C 64 -0.09 11.78 3.30
C VAL C 64 0.46 10.36 3.39
N TRP C 65 0.78 9.78 2.23
CA TRP C 65 1.41 8.47 2.17
C TRP C 65 2.92 8.67 2.23
N ASP C 66 3.50 8.45 3.41
CA ASP C 66 4.94 8.62 3.64
C ASP C 66 5.63 7.30 3.32
N THR C 67 6.13 7.20 2.08
CA THR C 67 6.72 5.96 1.63
C THR C 67 8.19 5.85 2.06
N ALA C 68 8.69 4.62 2.03
CA ALA C 68 10.08 4.36 2.37
C ALA C 68 10.98 4.68 1.18
N GLY C 69 12.10 5.36 1.46
CA GLY C 69 13.01 5.75 0.41
C GLY C 69 13.92 4.65 -0.08
N GLN C 70 14.32 3.75 0.83
CA GLN C 70 15.19 2.64 0.43
C GLN C 70 14.47 1.72 -0.53
N GLU C 71 15.18 1.29 -1.57
CA GLU C 71 14.60 0.47 -2.63
C GLU C 71 14.58 -1.00 -2.20
N GLY C 75 9.27 1.23 -9.42
CA GLY C 75 8.85 -0.01 -10.06
C GLY C 75 7.77 -0.74 -9.28
N LEU C 76 8.15 -1.30 -8.13
CA LEU C 76 7.22 -2.04 -7.30
C LEU C 76 6.29 -1.15 -6.51
N ARG C 77 6.50 0.16 -6.54
CA ARG C 77 5.74 1.11 -5.72
C ARG C 77 4.50 1.65 -6.42
N ASP C 78 4.16 1.12 -7.60
CA ASP C 78 3.01 1.63 -8.32
C ASP C 78 1.71 1.48 -7.55
N GLY C 79 1.67 0.57 -6.57
CA GLY C 79 0.47 0.40 -5.77
C GLY C 79 0.22 1.53 -4.79
N TYR C 80 1.28 2.24 -4.39
CA TYR C 80 1.09 3.42 -3.55
C TYR C 80 0.50 4.57 -4.35
N TYR C 81 0.90 4.70 -5.62
CA TYR C 81 0.58 5.88 -6.40
C TYR C 81 -0.82 5.85 -7.01
N ILE C 82 -1.45 4.69 -7.13
CA ILE C 82 -2.75 4.61 -7.78
C ILE C 82 -3.79 5.35 -6.94
N GLN C 83 -4.50 6.28 -7.58
CA GLN C 83 -5.56 7.14 -7.03
C GLN C 83 -4.98 8.40 -6.39
N ALA C 84 -3.67 8.62 -6.47
CA ALA C 84 -3.07 9.81 -5.90
C ALA C 84 -3.49 11.06 -6.68
N GLN C 85 -3.67 12.16 -5.97
CA GLN C 85 -4.10 13.42 -6.56
C GLN C 85 -3.02 14.50 -6.50
N CYS C 86 -1.91 14.24 -5.84
CA CYS C 86 -0.79 15.19 -5.73
C CYS C 86 0.38 14.44 -5.11
N ALA C 87 1.54 15.07 -5.11
CA ALA C 87 2.75 14.41 -4.61
C ALA C 87 3.77 15.44 -4.18
N ILE C 88 4.70 14.99 -3.33
CA ILE C 88 5.87 15.76 -2.93
C ILE C 88 7.09 14.88 -3.17
N ILE C 89 8.05 15.38 -3.94
CA ILE C 89 9.34 14.72 -4.14
C ILE C 89 10.35 15.43 -3.28
N MSE C 90 11.10 14.65 -2.49
CA MSE C 90 12.07 15.25 -1.59
C MSE C 90 13.50 14.81 -1.85
O MSE C 90 13.76 13.66 -2.22
CB MSE C 90 11.71 14.92 -0.14
CG MSE C 90 12.51 15.72 0.87
SE MSE C 90 11.52 15.98 2.52
CE MSE C 90 10.00 16.99 1.84
H MSE C 90 11.07 13.80 -2.47
HA MSE C 90 12.04 16.21 -1.72
HB2 MSE C 90 10.76 15.11 0.00
HB3 MSE C 90 11.89 13.98 0.02
HG2 MSE C 90 13.33 15.25 1.07
HG3 MSE C 90 12.71 16.59 0.49
HE1 MSE C 90 9.40 17.20 2.58
HE2 MSE C 90 10.33 17.82 1.45
HE3 MSE C 90 9.54 16.47 1.17
N PHE C 91 14.43 15.74 -1.67
CA PHE C 91 15.86 15.46 -1.76
C PHE C 91 16.58 16.29 -0.71
N ASP C 92 17.80 15.86 -0.39
CA ASP C 92 18.64 16.51 0.61
C ASP C 92 19.64 17.41 -0.10
N VAL C 93 19.65 18.69 0.25
CA VAL C 93 20.52 19.65 -0.43
C VAL C 93 22.00 19.42 -0.18
N THR C 94 22.35 18.58 0.81
CA THR C 94 23.75 18.28 1.10
C THR C 94 24.21 16.97 0.46
N SER C 95 23.35 16.29 -0.29
CA SER C 95 23.65 15.00 -0.87
C SER C 95 23.27 15.04 -2.34
N ARG C 96 24.26 15.28 -3.21
CA ARG C 96 23.98 15.41 -4.64
C ARG C 96 23.28 14.18 -5.22
N VAL C 97 23.44 13.01 -4.59
CA VAL C 97 22.84 11.81 -5.17
C VAL C 97 21.33 11.81 -4.97
N THR C 98 20.86 12.34 -3.84
CA THR C 98 19.41 12.44 -3.63
C THR C 98 18.77 13.35 -4.67
N TYR C 99 19.51 14.34 -5.15
CA TYR C 99 19.02 15.22 -6.20
C TYR C 99 19.09 14.54 -7.56
N LYS C 100 20.18 13.82 -7.83
CA LYS C 100 20.31 13.10 -9.10
C LYS C 100 19.14 12.15 -9.33
N ASN C 101 18.58 11.58 -8.26
CA ASN C 101 17.50 10.63 -8.38
C ASN C 101 16.13 11.27 -8.53
N VAL C 102 16.03 12.59 -8.38
CA VAL C 102 14.73 13.26 -8.51
C VAL C 102 14.04 12.88 -9.82
N PRO C 103 14.69 12.95 -10.98
CA PRO C 103 14.00 12.58 -12.23
C PRO C 103 13.42 11.18 -12.22
N ASN C 104 14.04 10.24 -11.49
CA ASN C 104 13.50 8.89 -11.45
C ASN C 104 12.19 8.83 -10.68
N TRP C 105 12.12 9.53 -9.54
CA TRP C 105 10.85 9.61 -8.82
C TRP C 105 9.79 10.30 -9.65
N HIS C 106 10.15 11.41 -10.31
CA HIS C 106 9.21 12.10 -11.17
C HIS C 106 8.67 11.17 -12.25
N ARG C 107 9.53 10.35 -12.84
CA ARG C 107 9.09 9.41 -13.87
C ARG C 107 8.11 8.39 -13.32
N ASP C 108 8.45 7.80 -12.16
CA ASP C 108 7.56 6.81 -11.55
C ASP C 108 6.17 7.40 -11.28
N LEU C 109 6.13 8.65 -10.82
CA LEU C 109 4.84 9.26 -10.47
C LEU C 109 4.02 9.57 -11.72
N VAL C 110 4.65 10.07 -12.79
CA VAL C 110 3.89 10.43 -13.98
C VAL C 110 3.38 9.20 -14.70
N ARG C 111 4.11 8.07 -14.60
CA ARG C 111 3.67 6.85 -15.30
C ARG C 111 2.32 6.38 -14.77
N VAL C 112 2.11 6.47 -13.46
CA VAL C 112 0.85 6.01 -12.85
C VAL C 112 -0.18 7.15 -12.79
N CYS C 113 0.23 8.36 -12.39
CA CYS C 113 -0.69 9.43 -12.08
C CYS C 113 -0.72 10.57 -13.09
N GLU C 114 0.11 10.52 -14.13
CA GLU C 114 0.14 11.54 -15.21
C GLU C 114 0.42 12.91 -14.60
N ASN C 115 -0.21 13.97 -15.08
CA ASN C 115 0.19 15.34 -14.72
C ASN C 115 -0.56 15.82 -13.47
N ILE C 116 -0.32 15.12 -12.36
CA ILE C 116 -0.85 15.57 -11.07
C ILE C 116 0.04 16.71 -10.60
N PRO C 117 -0.45 17.62 -9.76
CA PRO C 117 0.44 18.64 -9.20
C PRO C 117 1.50 18.00 -8.31
N ILE C 118 2.74 18.45 -8.46
CA ILE C 118 3.87 17.88 -7.72
C ILE C 118 4.76 19.03 -7.23
N VAL C 119 5.21 18.92 -5.98
CA VAL C 119 6.12 19.88 -5.37
C VAL C 119 7.47 19.19 -5.14
N LEU C 120 8.55 19.87 -5.53
CA LEU C 120 9.90 19.43 -5.22
C LEU C 120 10.40 20.19 -4.01
N CYS C 121 10.92 19.46 -3.01
CA CYS C 121 11.32 20.03 -1.74
C CYS C 121 12.79 19.70 -1.48
N GLY C 122 13.65 20.70 -1.54
CA GLY C 122 15.03 20.57 -1.12
C GLY C 122 15.18 20.82 0.37
N ASN C 123 15.35 19.75 1.14
CA ASN C 123 15.32 19.81 2.59
C ASN C 123 16.74 19.99 3.15
N LYS C 124 16.81 20.20 4.46
CA LYS C 124 18.07 20.33 5.18
C LYS C 124 18.84 21.58 4.74
N VAL C 125 18.12 22.67 4.48
CA VAL C 125 18.78 23.93 4.17
C VAL C 125 19.29 24.63 5.41
N ASP C 126 18.96 24.11 6.60
CA ASP C 126 19.52 24.64 7.84
C ASP C 126 21.02 24.36 7.97
N ILE C 127 21.55 23.42 7.19
CA ILE C 127 22.96 23.08 7.24
C ILE C 127 23.73 24.06 6.37
N LYS C 128 24.86 24.55 6.89
CA LYS C 128 25.61 25.58 6.18
C LYS C 128 26.26 25.04 4.91
N ASP C 129 26.76 23.80 4.97
CA ASP C 129 27.47 23.20 3.83
C ASP C 129 26.44 22.62 2.87
N ARG C 130 26.02 23.43 1.91
CA ARG C 130 25.03 23.04 0.92
C ARG C 130 25.75 22.61 -0.37
N LYS C 131 25.32 21.48 -0.93
CA LYS C 131 25.95 20.92 -2.12
C LYS C 131 25.09 21.03 -3.38
N VAL C 132 23.81 21.36 -3.25
CA VAL C 132 22.89 21.50 -4.39
C VAL C 132 22.40 22.94 -4.43
N LYS C 133 22.52 23.57 -5.61
CA LYS C 133 22.23 24.98 -5.77
C LYS C 133 20.80 25.21 -6.25
N ALA C 134 20.12 26.19 -5.65
CA ALA C 134 18.72 26.44 -5.97
C ALA C 134 18.56 26.97 -7.40
N LYS C 135 19.51 27.77 -7.88
CA LYS C 135 19.41 28.28 -9.25
C LYS C 135 19.38 27.14 -10.26
N SER C 136 20.09 26.05 -9.96
CA SER C 136 20.17 24.94 -10.90
C SER C 136 18.84 24.22 -11.08
N ILE C 137 17.89 24.36 -10.15
CA ILE C 137 16.62 23.65 -10.26
C ILE C 137 15.87 24.15 -11.50
N VAL C 138 15.40 23.22 -12.33
CA VAL C 138 14.58 23.55 -13.49
C VAL C 138 13.25 22.79 -13.50
N PHE C 139 12.97 22.06 -12.41
CA PHE C 139 11.70 21.31 -12.26
C PHE C 139 10.49 22.23 -12.29
N HIS C 140 10.62 23.43 -11.72
CA HIS C 140 9.48 24.33 -11.55
C HIS C 140 9.14 25.14 -12.80
N ARG C 141 9.79 24.89 -13.94
CA ARG C 141 9.44 25.61 -15.17
C ARG C 141 8.01 25.27 -15.63
N LYS C 142 7.59 24.02 -15.46
CA LYS C 142 6.27 23.59 -15.91
C LYS C 142 5.18 24.02 -14.93
N LYS C 143 3.95 24.17 -15.45
CA LYS C 143 2.87 24.78 -14.66
C LYS C 143 2.44 23.90 -13.49
N ASN C 144 2.40 22.58 -13.68
CA ASN C 144 1.94 21.68 -12.63
C ASN C 144 3.02 21.37 -11.59
N LEU C 145 4.19 22.00 -11.69
CA LEU C 145 5.33 21.70 -10.84
C LEU C 145 5.78 22.96 -10.10
N GLN C 146 6.35 22.76 -8.91
CA GLN C 146 6.84 23.85 -8.04
C GLN C 146 8.09 23.38 -7.32
N TYR C 147 8.88 24.34 -6.80
CA TYR C 147 10.04 24.03 -5.98
C TYR C 147 10.06 24.93 -4.75
N TYR C 148 10.37 24.34 -3.60
CA TYR C 148 10.53 25.09 -2.36
C TYR C 148 11.75 24.57 -1.58
N ASP C 149 12.57 25.48 -1.09
CA ASP C 149 13.55 25.15 -0.06
C ASP C 149 12.83 25.04 1.28
N ILE C 150 13.10 23.97 2.02
CA ILE C 150 12.49 23.75 3.32
C ILE C 150 13.55 23.26 4.31
N SER C 151 13.17 23.25 5.58
CA SER C 151 13.97 22.62 6.63
C SER C 151 13.00 22.04 7.65
N ALA C 152 12.91 20.72 7.71
CA ALA C 152 12.09 20.09 8.73
C ALA C 152 12.63 20.33 10.14
N LYS C 153 13.89 20.75 10.25
CA LYS C 153 14.47 21.04 11.57
C LYS C 153 14.09 22.43 12.04
N SER C 154 14.23 23.43 11.16
CA SER C 154 13.95 24.82 11.51
C SER C 154 12.55 25.28 11.11
N ASN C 155 11.79 24.45 10.39
CA ASN C 155 10.46 24.79 9.93
C ASN C 155 10.45 25.93 8.91
N TYR C 156 11.55 26.07 8.16
CA TYR C 156 11.61 27.05 7.08
C TYR C 156 10.67 26.63 5.96
N ASN C 157 9.81 27.54 5.52
CA ASN C 157 8.78 27.26 4.52
C ASN C 157 7.93 26.06 4.95
N PHE C 158 7.71 25.93 6.25
CA PHE C 158 6.89 24.87 6.85
C PHE C 158 5.65 24.54 6.03
N GLU C 159 4.77 25.52 5.83
CA GLU C 159 3.48 25.25 5.21
C GLU C 159 3.45 25.45 3.70
N LYS C 160 4.54 25.93 3.10
CA LYS C 160 4.49 26.30 1.69
C LYS C 160 4.11 25.15 0.78
N PRO C 161 4.73 23.97 0.86
CA PRO C 161 4.37 22.90 -0.10
C PRO C 161 2.89 22.56 -0.08
N PHE C 162 2.25 22.64 1.08
CA PHE C 162 0.84 22.31 1.17
C PHE C 162 -0.04 23.47 0.72
N LEU C 163 0.36 24.70 1.03
CA LEU C 163 -0.40 25.85 0.57
C LEU C 163 -0.46 25.88 -0.96
N TRP C 164 0.65 25.58 -1.62
CA TRP C 164 0.65 25.57 -3.08
C TRP C 164 -0.23 24.45 -3.62
N LEU C 165 -0.13 23.26 -3.05
CA LEU C 165 -0.96 22.15 -3.52
C LEU C 165 -2.44 22.44 -3.30
N ALA C 166 -2.79 23.00 -2.14
CA ALA C 166 -4.18 23.33 -1.88
C ALA C 166 -4.72 24.30 -2.92
N ARG C 167 -3.91 25.28 -3.32
CA ARG C 167 -4.36 26.27 -4.30
C ARG C 167 -4.52 25.65 -5.68
N LYS C 168 -3.64 24.69 -6.03
CA LYS C 168 -3.73 24.06 -7.33
C LYS C 168 -4.85 23.04 -7.41
N LEU C 169 -5.14 22.35 -6.30
CA LEU C 169 -6.20 21.34 -6.30
C LEU C 169 -7.58 21.95 -6.23
N ILE C 170 -7.71 23.12 -5.58
CA ILE C 170 -8.99 23.80 -5.47
C ILE C 170 -9.18 24.86 -6.54
N GLY C 171 -8.13 25.22 -7.26
CA GLY C 171 -8.26 26.22 -8.31
C GLY C 171 -8.54 27.61 -7.80
N ASP C 172 -7.99 27.96 -6.63
CA ASP C 172 -8.19 29.28 -6.03
C ASP C 172 -6.85 29.87 -5.63
N PRO C 173 -6.28 30.77 -6.45
CA PRO C 173 -5.01 31.39 -6.06
C PRO C 173 -5.09 32.23 -4.79
N ASN C 174 -6.29 32.60 -4.36
CA ASN C 174 -6.47 33.44 -3.19
C ASN C 174 -6.79 32.66 -1.92
N LEU C 175 -6.69 31.33 -1.97
CA LEU C 175 -6.87 30.52 -0.77
C LEU C 175 -5.75 30.83 0.22
N GLU C 176 -6.11 30.91 1.50
CA GLU C 176 -5.17 31.22 2.57
C GLU C 176 -5.34 30.20 3.69
N PHE C 177 -4.22 29.78 4.27
CA PHE C 177 -4.27 29.02 5.51
C PHE C 177 -4.52 29.96 6.68
N VAL C 178 -5.35 29.49 7.62
CA VAL C 178 -5.62 30.23 8.85
C VAL C 178 -5.33 29.30 10.03
N ALA C 179 -5.23 29.90 11.21
CA ALA C 179 -4.98 29.12 12.41
C ALA C 179 -6.19 28.25 12.74
N MSE C 180 -5.93 27.10 13.33
CA MSE C 180 -7.00 26.22 13.77
C MSE C 180 -7.62 26.78 15.04
O MSE C 180 -6.90 27.11 15.98
CB MSE C 180 -6.48 24.79 14.02
CG MSE C 180 -7.54 23.84 14.54
SE MSE C 180 -6.86 22.03 14.83
CE MSE C 180 -8.48 21.21 15.53
H MSE C 180 -5.14 26.80 13.49
HA MSE C 180 -7.68 26.14 13.08
HB2 MSE C 180 -6.15 24.44 13.18
HB3 MSE C 180 -5.77 24.85 14.67
HG2 MSE C 180 -7.88 24.17 15.39
HG3 MSE C 180 -8.26 23.79 13.90
HE1 MSE C 180 -8.30 20.27 15.72
HE2 MSE C 180 -8.74 21.67 16.34
HE3 MSE C 180 -9.18 21.28 14.87
N PRO C 181 -8.95 26.89 15.09
CA PRO C 181 -9.58 27.40 16.31
C PRO C 181 -9.40 26.45 17.47
N ALA C 182 -9.04 26.99 18.62
CA ALA C 182 -8.87 26.20 19.84
C ALA C 182 -10.24 26.09 20.52
N LEU C 183 -11.02 25.12 20.07
CA LEU C 183 -12.35 24.92 20.64
C LEU C 183 -12.24 24.38 22.06
N ALA C 184 -13.19 24.78 22.89
CA ALA C 184 -13.21 24.35 24.29
C ALA C 184 -13.09 22.84 24.38
N PRO C 185 -12.07 22.31 25.04
CA PRO C 185 -11.88 20.86 25.06
C PRO C 185 -12.87 20.21 26.00
N PRO C 186 -12.94 18.88 26.00
CA PRO C 186 -13.85 18.20 26.93
C PRO C 186 -13.25 18.09 28.32
N GLU C 187 -14.12 18.00 29.31
CA GLU C 187 -13.68 17.70 30.67
C GLU C 187 -13.33 16.22 30.76
N VAL C 188 -12.16 15.93 31.30
CA VAL C 188 -11.72 14.55 31.53
C VAL C 188 -11.48 14.42 33.03
N VAL C 189 -12.43 13.85 33.75
CA VAL C 189 -12.30 13.65 35.18
C VAL C 189 -11.48 12.39 35.44
N MSE C 190 -10.56 12.48 36.39
CA MSE C 190 -9.78 11.31 36.79
C MSE C 190 -9.96 11.07 38.29
O MSE C 190 -10.08 12.01 39.08
CB MSE C 190 -8.31 11.48 36.45
CG MSE C 190 -7.60 12.63 37.12
SE MSE C 190 -5.66 12.50 36.91
CE MSE C 190 -5.54 12.61 34.96
H MSE C 190 -10.37 13.19 36.82
HA MSE C 190 -10.09 10.53 36.31
HB2 MSE C 190 -7.85 10.67 36.70
HB3 MSE C 190 -8.23 11.62 35.48
HG2 MSE C 190 -7.90 13.47 36.72
HG3 MSE C 190 -7.81 12.64 38.07
HE1 MSE C 190 -4.62 12.55 34.70
HE2 MSE C 190 -6.04 11.86 34.58
HE3 MSE C 190 -5.93 13.44 34.67
N ASP C 191 -9.99 9.80 38.67
CA ASP C 191 -10.26 9.44 40.06
C ASP C 191 -9.29 10.16 40.99
N PRO C 192 -9.77 10.71 42.11
CA PRO C 192 -8.84 11.40 43.03
C PRO C 192 -7.72 10.50 43.53
N ALA C 193 -7.94 9.19 43.61
CA ALA C 193 -6.88 8.30 44.05
C ALA C 193 -5.74 8.27 43.03
N LEU C 194 -6.08 8.28 41.74
CA LEU C 194 -5.04 8.29 40.72
C LEU C 194 -4.35 9.66 40.65
N ALA C 195 -5.11 10.74 40.81
CA ALA C 195 -4.51 12.07 40.82
C ALA C 195 -3.57 12.24 42.01
N ALA C 196 -3.98 11.77 43.18
CA ALA C 196 -3.12 11.88 44.36
C ALA C 196 -1.84 11.06 44.20
N GLN C 197 -1.92 9.92 43.52
CA GLN C 197 -0.72 9.14 43.25
C GLN C 197 0.19 9.85 42.26
N TYR C 198 -0.39 10.51 41.26
CA TYR C 198 0.43 11.23 40.28
C TYR C 198 1.13 12.42 40.92
N GLU C 199 0.40 13.22 41.69
CA GLU C 199 1.04 14.35 42.37
C GLU C 199 2.08 13.87 43.37
N HIS C 200 1.82 12.73 44.01
CA HIS C 200 2.82 12.15 44.90
C HIS C 200 4.06 11.74 44.13
N ASP C 201 3.88 11.15 42.95
CA ASP C 201 5.03 10.71 42.15
C ASP C 201 5.79 11.89 41.57
N LEU C 202 5.10 12.98 41.23
CA LEU C 202 5.79 14.13 40.65
C LEU C 202 6.73 14.79 41.67
N GLU C 203 6.30 14.85 42.93
CA GLU C 203 7.11 15.53 43.94
C GLU C 203 8.23 14.66 44.49
N VAL C 204 8.00 13.35 44.57
CA VAL C 204 8.91 12.43 45.25
C VAL C 204 9.66 11.55 44.26
N ALA C 205 8.95 10.97 43.29
CA ALA C 205 9.49 9.91 42.44
C ALA C 205 9.61 10.34 40.97
N GLN C 206 9.96 11.60 40.71
CA GLN C 206 10.21 12.04 39.34
C GLN C 206 11.68 11.75 39.04
N THR C 207 11.93 10.60 38.41
CA THR C 207 13.26 10.06 38.21
C THR C 207 13.82 10.33 36.82
N THR C 208 13.12 11.12 36.01
CA THR C 208 13.57 11.47 34.67
C THR C 208 14.32 12.80 34.72
N ALA C 209 15.52 12.83 34.15
CA ALA C 209 16.34 14.03 34.20
C ALA C 209 15.69 15.15 33.39
N LEU C 210 15.66 16.35 33.97
CA LEU C 210 15.15 17.50 33.25
C LEU C 210 16.06 17.82 32.06
N PRO C 211 15.49 18.31 30.96
CA PRO C 211 16.31 18.58 29.78
C PRO C 211 17.39 19.61 30.05
N ASP C 212 18.42 19.59 29.21
CA ASP C 212 19.54 20.51 29.38
C ASP C 212 19.11 21.94 29.10
N GLU C 213 19.64 22.88 29.87
CA GLU C 213 19.29 24.28 29.67
C GLU C 213 19.66 24.72 28.26
N ASP C 214 18.73 25.40 27.60
CA ASP C 214 18.92 25.95 26.27
C ASP C 214 18.34 27.36 26.27
N ASP C 215 19.10 28.32 25.77
CA ASP C 215 18.60 29.69 25.65
C ASP C 215 17.88 29.87 24.31
N ASP C 216 16.80 29.10 24.17
CA ASP C 216 15.98 29.14 22.96
C ASP C 216 14.79 30.06 23.10
N LEU C 217 14.48 30.51 24.31
CA LEU C 217 13.33 31.36 24.58
C LEU C 217 13.72 32.83 24.58
N PRO D 11 18.93 29.86 6.43
CA PRO D 11 17.85 30.83 6.17
C PRO D 11 17.03 31.13 7.43
N LYS D 12 16.70 32.40 7.62
CA LYS D 12 15.93 32.81 8.79
C LYS D 12 14.48 32.40 8.65
N VAL D 13 13.88 31.97 9.76
CA VAL D 13 12.48 31.59 9.80
C VAL D 13 11.71 32.71 10.49
N VAL D 14 10.77 33.32 9.77
CA VAL D 14 9.98 34.44 10.26
C VAL D 14 8.55 33.95 10.50
N VAL D 15 7.95 34.39 11.60
CA VAL D 15 6.64 33.92 12.03
C VAL D 15 5.86 35.09 12.61
N THR D 16 4.59 35.20 12.22
CA THR D 16 3.66 36.16 12.80
C THR D 16 2.81 35.41 13.83
N GLU D 17 3.07 35.64 15.11
CA GLU D 17 2.44 34.86 16.16
C GLU D 17 0.93 34.99 16.11
N VAL D 18 0.24 33.88 16.40
CA VAL D 18 -1.21 33.85 16.40
C VAL D 18 -1.74 34.46 17.69
N LYS D 19 -2.80 35.25 17.58
CA LYS D 19 -3.37 35.96 18.72
C LYS D 19 -4.48 35.14 19.37
N GLU D 20 -4.55 35.21 20.69
CA GLU D 20 -5.68 34.70 21.49
C GLU D 20 -6.14 35.87 22.36
N GLU D 21 -6.95 36.74 21.79
CA GLU D 21 -7.19 38.05 22.41
C GLU D 21 -7.86 37.94 23.77
N ASP D 22 -8.69 36.92 23.98
CA ASP D 22 -9.40 36.77 25.25
C ASP D 22 -8.65 35.88 26.23
N ALA D 23 -7.33 35.81 26.13
CA ALA D 23 -6.52 35.10 27.09
C ALA D 23 -6.03 36.07 28.16
N PHE D 24 -6.25 35.73 29.44
CA PHE D 24 -5.78 36.55 30.54
C PHE D 24 -4.38 36.17 31.00
N TYR D 25 -3.66 35.38 30.21
CA TYR D 25 -2.27 35.05 30.49
C TYR D 25 -1.66 34.49 29.21
N SER D 26 -0.47 34.99 28.85
CA SER D 26 0.21 34.53 27.64
C SER D 26 1.70 34.66 27.84
N LYS D 27 2.40 33.53 27.78
CA LYS D 27 3.85 33.48 28.02
C LYS D 27 4.48 32.49 27.04
N LYS D 28 5.55 32.92 26.38
CA LYS D 28 6.31 32.01 25.54
C LYS D 28 6.85 30.86 26.38
N CYS D 29 6.94 29.68 25.77
CA CYS D 29 7.28 28.48 26.52
C CYS D 29 7.93 27.45 25.59
N LYS D 30 8.30 26.32 26.17
CA LYS D 30 8.86 25.18 25.46
C LYS D 30 8.30 23.93 26.11
N LEU D 31 7.57 23.13 25.33
CA LEU D 31 6.76 22.05 25.88
C LEU D 31 7.43 20.69 25.65
N PHE D 32 7.54 19.92 26.72
CA PHE D 32 8.01 18.54 26.67
C PHE D 32 6.95 17.60 27.24
N TYR D 33 7.06 16.32 26.90
CA TYR D 33 6.25 15.28 27.52
C TYR D 33 7.14 14.10 27.85
N LYS D 34 6.69 13.31 28.81
CA LYS D 34 7.50 12.25 29.42
C LYS D 34 7.15 10.91 28.78
N LYS D 35 8.14 10.27 28.17
CA LYS D 35 7.97 8.96 27.56
C LYS D 35 9.23 8.13 27.80
N ASP D 36 9.04 6.94 28.36
CA ASP D 36 10.14 6.02 28.66
C ASP D 36 11.27 6.73 29.40
N ASN D 37 10.91 7.31 30.55
CA ASN D 37 11.86 8.01 31.41
C ASN D 37 12.70 9.02 30.61
N GLU D 38 12.08 9.62 29.60
CA GLU D 38 12.72 10.66 28.79
C GLU D 38 11.70 11.76 28.49
N PHE D 39 12.18 13.00 28.46
CA PHE D 39 11.36 14.14 28.08
C PHE D 39 11.55 14.40 26.59
N LYS D 40 10.51 14.14 25.80
CA LYS D 40 10.53 14.43 24.37
C LYS D 40 9.96 15.83 24.15
N GLU D 41 10.63 16.62 23.32
CA GLU D 41 10.21 18.00 23.08
C GLU D 41 9.08 18.05 22.06
N LYS D 42 7.99 18.71 22.44
CA LYS D 42 6.88 18.93 21.52
C LYS D 42 7.07 20.19 20.69
N GLY D 43 7.81 21.17 21.21
CA GLY D 43 8.14 22.36 20.44
C GLY D 43 8.08 23.66 21.22
N ILE D 44 8.54 24.73 20.60
CA ILE D 44 8.48 26.07 21.19
C ILE D 44 7.16 26.70 20.79
N GLY D 45 6.55 27.43 21.72
CA GLY D 45 5.27 28.05 21.44
C GLY D 45 4.91 29.09 22.47
N THR D 46 3.61 29.36 22.56
CA THR D 46 3.07 30.35 23.49
C THR D 46 1.93 29.71 24.27
N LEU D 47 2.03 29.72 25.59
CA LEU D 47 0.99 29.17 26.44
C LEU D 47 -0.08 30.23 26.70
N HIS D 48 -1.34 29.82 26.59
CA HIS D 48 -2.47 30.71 26.79
C HIS D 48 -3.39 30.12 27.85
N LEU D 49 -3.83 30.96 28.78
CA LEU D 49 -4.91 30.64 29.70
C LEU D 49 -6.12 31.46 29.30
N LYS D 50 -7.22 30.78 28.97
CA LYS D 50 -8.41 31.43 28.44
C LYS D 50 -9.61 31.15 29.33
N PRO D 51 -10.59 32.04 29.35
CA PRO D 51 -11.81 31.77 30.12
C PRO D 51 -12.78 30.88 29.36
N THR D 52 -13.64 30.21 30.13
CA THR D 52 -14.73 29.42 29.59
C THR D 52 -16.02 29.84 30.29
N ALA D 53 -17.15 29.34 29.79
CA ALA D 53 -18.44 29.70 30.37
C ALA D 53 -18.43 29.56 31.89
N ASN D 54 -17.99 28.42 32.40
CA ASN D 54 -18.00 28.16 33.84
C ASN D 54 -16.79 28.85 34.48
N GLN D 55 -16.48 28.52 35.73
CA GLN D 55 -15.23 28.97 36.31
C GLN D 55 -14.03 28.26 35.69
N LYS D 56 -14.28 27.20 34.92
CA LYS D 56 -13.21 26.41 34.32
C LYS D 56 -12.32 27.27 33.43
N THR D 57 -11.02 26.96 33.44
CA THR D 57 -10.02 27.65 32.63
C THR D 57 -9.46 26.70 31.59
N GLN D 58 -9.07 27.26 30.44
CA GLN D 58 -8.58 26.49 29.29
C GLN D 58 -7.08 26.69 29.17
N LEU D 59 -6.33 25.60 29.18
CA LEU D 59 -4.88 25.62 29.00
C LEU D 59 -4.56 25.29 27.55
N LEU D 60 -3.97 26.24 26.84
CA LEU D 60 -3.77 26.16 25.39
C LEU D 60 -2.36 26.56 25.03
N VAL D 61 -1.68 25.71 24.26
CA VAL D 61 -0.32 25.97 23.79
C VAL D 61 -0.34 25.92 22.27
N ARG D 62 0.08 27.01 21.63
CA ARG D 62 0.20 27.10 20.18
C ARG D 62 1.68 27.13 19.81
N ALA D 63 2.03 26.45 18.71
CA ALA D 63 3.41 26.39 18.27
C ALA D 63 3.84 27.70 17.63
N ASP D 64 5.15 27.95 17.65
CA ASP D 64 5.72 29.17 17.09
C ASP D 64 5.78 29.05 15.57
N THR D 65 4.58 29.00 14.98
CA THR D 65 4.39 28.87 13.55
C THR D 65 3.31 29.86 13.12
N ASN D 66 3.19 30.09 11.81
CA ASN D 66 2.18 31.03 11.34
C ASN D 66 0.78 30.48 11.54
N LEU D 67 0.64 29.17 11.65
CA LEU D 67 -0.64 28.50 11.83
C LEU D 67 -0.96 28.21 13.29
N GLY D 68 -0.01 28.41 14.19
CA GLY D 68 -0.24 28.19 15.61
C GLY D 68 -0.72 26.80 15.94
N ASN D 69 -0.06 25.79 15.38
CA ASN D 69 -0.43 24.41 15.61
C ASN D 69 -0.70 24.15 17.09
N ILE D 70 -1.85 23.54 17.36
CA ILE D 70 -2.28 23.29 18.74
C ILE D 70 -1.48 22.10 19.28
N LEU D 71 -0.55 22.37 20.20
CA LEU D 71 0.22 21.33 20.83
C LEU D 71 -0.47 20.77 22.07
N LEU D 72 -1.30 21.58 22.73
CA LEU D 72 -2.05 21.12 23.90
C LEU D 72 -3.27 22.00 24.07
N ASN D 73 -4.42 21.37 24.31
CA ASN D 73 -5.67 22.10 24.55
C ASN D 73 -6.50 21.26 25.53
N VAL D 74 -6.51 21.68 26.78
CA VAL D 74 -7.17 20.93 27.85
C VAL D 74 -7.80 21.89 28.84
N LEU D 75 -8.90 21.45 29.45
CA LEU D 75 -9.42 22.12 30.63
C LEU D 75 -8.58 21.74 31.84
N ILE D 76 -8.42 22.68 32.76
CA ILE D 76 -7.69 22.45 34.00
C ILE D 76 -8.66 21.86 35.01
N PRO D 77 -8.59 20.56 35.31
CA PRO D 77 -9.51 19.97 36.28
C PRO D 77 -9.13 20.38 37.69
N PRO D 78 -10.06 20.26 38.64
CA PRO D 78 -9.75 20.70 40.02
C PRO D 78 -8.52 20.04 40.61
N ASN D 79 -8.33 18.75 40.39
CA ASN D 79 -7.27 17.97 41.04
C ASN D 79 -6.14 17.65 40.07
N MSE D 80 -5.81 18.57 39.18
CA MSE D 80 -4.70 18.37 38.26
C MSE D 80 -3.37 18.37 39.02
O MSE D 80 -3.06 19.33 39.71
CB MSE D 80 -4.67 19.47 37.19
CG MSE D 80 -3.55 19.28 36.15
SE MSE D 80 -3.44 20.71 34.82
CE MSE D 80 -2.72 22.14 35.94
H MSE D 80 -6.21 19.33 39.09
HA MSE D 80 -4.82 17.53 37.80
HB2 MSE D 80 -5.51 19.47 36.71
HB3 MSE D 80 -4.54 20.33 37.62
HG2 MSE D 80 -2.70 19.25 36.63
HG3 MSE D 80 -3.69 18.45 35.69
HE1 MSE D 80 -2.60 22.94 35.39
HE2 MSE D 80 -3.35 22.33 36.65
HE3 MSE D 80 -1.87 21.86 36.31
N PRO D 81 -2.60 17.28 38.89
CA PRO D 81 -1.24 17.32 39.45
C PRO D 81 -0.46 18.48 38.87
N CYS D 82 0.20 19.23 39.75
CA CYS D 82 0.95 20.40 39.35
C CYS D 82 2.09 20.61 40.34
N THR D 83 3.31 20.74 39.83
CA THR D 83 4.46 20.91 40.69
C THR D 83 5.48 21.82 40.03
N ARG D 84 6.32 22.43 40.87
CA ARG D 84 7.41 23.29 40.43
C ARG D 84 8.72 22.52 40.57
N THR D 85 9.53 22.54 39.52
CA THR D 85 10.80 21.83 39.53
C THR D 85 11.81 22.58 38.67
N GLY D 86 13.09 22.53 39.09
CA GLY D 86 14.18 23.07 38.30
C GLY D 86 14.34 24.58 38.36
N LYS D 87 15.11 25.08 37.38
CA LYS D 87 15.32 26.52 37.28
C LYS D 87 14.06 27.22 36.78
N ASN D 88 13.41 26.68 35.75
CA ASN D 88 12.33 27.39 35.09
C ASN D 88 11.31 26.43 34.48
N ASN D 89 10.82 25.48 35.29
CA ASN D 89 9.91 24.46 34.79
C ASN D 89 8.74 24.24 35.74
N VAL D 90 7.59 23.85 35.16
CA VAL D 90 6.39 23.50 35.90
C VAL D 90 5.83 22.21 35.30
N LEU D 91 5.62 21.20 36.15
CA LEU D 91 5.12 19.90 35.70
C LEU D 91 3.61 19.82 35.88
N ILE D 92 2.98 18.99 35.04
CA ILE D 92 1.55 18.69 35.15
C ILE D 92 1.31 17.27 34.61
N VAL D 93 0.13 16.74 34.92
CA VAL D 93 -0.30 15.44 34.40
C VAL D 93 -1.73 15.59 33.90
N CYS D 94 -1.96 15.24 32.64
CA CYS D 94 -3.27 15.38 32.03
C CYS D 94 -3.39 14.39 30.88
N VAL D 95 -4.62 14.18 30.45
CA VAL D 95 -4.90 13.35 29.27
C VAL D 95 -4.79 14.24 28.05
N PRO D 96 -3.74 14.08 27.22
CA PRO D 96 -3.45 15.10 26.21
C PRO D 96 -4.59 15.27 25.21
N ASN D 97 -4.74 16.51 24.75
CA ASN D 97 -5.56 16.83 23.59
C ASN D 97 -4.86 17.95 22.82
N PRO D 98 -4.47 17.74 21.54
CA PRO D 98 -4.61 16.52 20.75
C PRO D 98 -3.86 15.33 21.35
N PRO D 99 -4.35 14.11 21.11
CA PRO D 99 -3.68 12.93 21.65
C PRO D 99 -2.21 12.85 21.25
N ILE D 100 -1.38 12.40 22.18
CA ILE D 100 0.01 12.09 21.86
C ILE D 100 0.16 10.62 21.48
N ASP D 101 -0.62 9.73 22.09
CA ASP D 101 -0.67 8.31 21.73
C ASP D 101 -2.11 7.97 21.38
N GLU D 102 -2.39 7.85 20.08
CA GLU D 102 -3.74 7.52 19.65
C GLU D 102 -4.14 6.12 20.12
N LYS D 103 -3.18 5.21 20.26
CA LYS D 103 -3.49 3.85 20.71
C LYS D 103 -3.98 3.84 22.16
N ASN D 104 -3.39 4.67 23.03
CA ASN D 104 -3.84 4.78 24.42
C ASN D 104 -4.08 6.27 24.72
N ALA D 105 -5.13 6.81 24.08
CA ALA D 105 -5.44 8.22 24.21
C ALA D 105 -5.98 8.55 25.60
N THR D 106 -6.68 7.62 26.24
CA THR D 106 -7.27 7.90 27.53
C THR D 106 -6.24 8.02 28.65
N MSE D 107 -5.05 7.45 28.48
CA MSE D 107 -4.03 7.46 29.54
C MSE D 107 -3.47 8.86 29.83
O MSE D 107 -3.20 9.62 28.91
CB MSE D 107 -2.88 6.52 29.13
CG MSE D 107 -1.97 6.08 30.28
SE MSE D 107 -0.22 5.34 29.75
CE MSE D 107 -0.73 3.75 28.74
H MSE D 107 -4.80 7.05 27.76
HA MSE D 107 -4.45 7.14 30.35
HB2 MSE D 107 -3.25 5.72 28.74
HB3 MSE D 107 -2.32 6.98 28.48
HG2 MSE D 107 -1.80 6.85 30.85
HG3 MSE D 107 -2.43 5.39 30.78
HE1 MSE D 107 0.06 3.32 28.39
HE2 MSE D 107 -1.22 3.14 29.33
HE3 MSE D 107 -1.31 4.01 28.00
N PRO D 108 -3.29 9.20 31.11
CA PRO D 108 -2.64 10.48 31.44
C PRO D 108 -1.17 10.46 31.07
N VAL D 109 -0.62 11.67 30.89
CA VAL D 109 0.78 11.85 30.51
C VAL D 109 1.38 12.99 31.32
N THR D 110 2.60 12.77 31.82
CA THR D 110 3.34 13.82 32.52
C THR D 110 3.97 14.78 31.52
N MSE D 111 3.85 16.07 31.80
CA MSE D 111 4.31 17.09 30.86
C MSE D 111 5.06 18.23 31.54
O MSE D 111 4.76 18.61 32.67
CB MSE D 111 3.13 17.65 30.08
CG MSE D 111 2.22 16.58 29.53
SE MSE D 111 1.05 17.19 28.12
CE MSE D 111 2.31 17.17 26.63
H MSE D 111 3.50 16.39 32.52
HA MSE D 111 4.94 16.66 30.26
HB2 MSE D 111 2.60 18.22 30.65
HB3 MSE D 111 3.46 18.16 29.33
HG2 MSE D 111 2.77 15.86 29.17
HG3 MSE D 111 1.67 16.23 30.25
HE1 MSE D 111 1.92 17.63 25.87
HE2 MSE D 111 3.13 17.63 26.91
HE3 MSE D 111 2.51 16.25 26.40
N LEU D 112 6.05 18.78 30.82
CA LEU D 112 6.96 19.78 31.34
C LEU D 112 6.80 21.08 30.56
N ILE D 113 6.58 22.18 31.26
CA ILE D 113 6.42 23.49 30.65
C ILE D 113 7.59 24.35 31.11
N ARG D 114 8.48 24.68 30.18
CA ARG D 114 9.64 25.52 30.48
C ARG D 114 9.37 26.95 30.02
N VAL D 115 9.74 27.92 30.87
CA VAL D 115 9.62 29.33 30.54
C VAL D 115 10.99 29.97 30.65
N LYS D 116 11.08 31.27 30.36
CA LYS D 116 12.37 31.92 30.24
C LYS D 116 13.14 31.88 31.56
N THR D 117 12.48 32.27 32.66
CA THR D 117 13.19 32.51 33.92
C THR D 117 12.51 31.79 35.07
N SER D 118 13.24 31.72 36.18
CA SER D 118 12.70 31.15 37.41
C SER D 118 11.60 32.03 38.00
N GLU D 119 11.65 33.33 37.73
CA GLU D 119 10.65 34.24 38.29
C GLU D 119 9.26 33.94 37.72
N ASP D 120 9.13 33.99 36.39
CA ASP D 120 7.83 33.72 35.76
C ASP D 120 7.51 32.24 35.69
N ALA D 121 8.45 31.35 36.00
CA ALA D 121 8.10 29.96 36.24
C ALA D 121 7.34 29.81 37.55
N ASP D 122 7.76 30.53 38.59
CA ASP D 122 7.00 30.56 39.83
C ASP D 122 5.64 31.23 39.60
N GLU D 123 5.62 32.30 38.80
CA GLU D 123 4.36 32.95 38.47
C GLU D 123 3.36 31.95 37.90
N LEU D 124 3.78 31.17 36.90
CA LEU D 124 2.88 30.22 36.27
C LEU D 124 2.35 29.20 37.28
N HIS D 125 3.24 28.64 38.10
CA HIS D 125 2.80 27.67 39.09
C HIS D 125 1.74 28.26 40.01
N LYS D 126 1.84 29.55 40.32
CA LYS D 126 0.85 30.19 41.18
C LYS D 126 -0.51 30.26 40.50
N ILE D 127 -0.56 30.89 39.33
CA ILE D 127 -1.85 31.10 38.67
C ILE D 127 -2.50 29.77 38.31
N LEU D 128 -1.70 28.78 37.89
CA LEU D 128 -2.26 27.47 37.60
C LEU D 128 -2.95 26.89 38.83
N LEU D 129 -2.32 27.03 40.00
CA LEU D 129 -2.95 26.56 41.24
C LEU D 129 -4.18 27.40 41.57
N GLU D 130 -4.12 28.71 41.35
CA GLU D 130 -5.28 29.56 41.59
C GLU D 130 -6.44 29.19 40.68
N LYS D 131 -6.15 28.86 39.42
CA LYS D 131 -7.21 28.49 38.49
C LYS D 131 -7.75 27.10 38.77
N LYS D 132 -6.89 26.19 39.25
CA LYS D 132 -7.39 24.93 39.78
C LYS D 132 -8.39 25.18 40.91
N ASP D 133 -8.06 26.11 41.80
CA ASP D 133 -8.84 26.30 43.02
C ASP D 133 -10.18 26.95 42.75
N ALA D 134 -10.26 27.81 41.74
CA ALA D 134 -11.53 28.44 41.38
C ALA D 134 -12.47 27.40 40.78
PG GNP E . 0.55 -10.06 0.59
O1G GNP E . 1.72 -9.40 1.30
O2G GNP E . 0.54 -9.60 -0.84
O3G GNP E . -0.72 -9.67 1.29
N3B GNP E . 0.63 -11.67 0.37
PB GNP E . -0.52 -12.56 -0.35
O1B GNP E . -1.62 -12.85 0.64
O2B GNP E . -0.81 -11.96 -1.72
O3A GNP E . 0.14 -14.01 -0.59
PA GNP E . 1.06 -14.50 -1.81
O1A GNP E . 0.21 -14.79 -3.00
O2A GNP E . 2.17 -13.51 -1.97
O5' GNP E . 1.63 -15.90 -1.28
C5' GNP E . 2.25 -16.04 0.02
C4' GNP E . 3.04 -17.33 0.05
O4' GNP E . 2.12 -18.45 0.11
C3' GNP E . 3.94 -17.62 -1.16
O3' GNP E . 5.11 -18.30 -0.74
C2' GNP E . 3.04 -18.49 -2.05
O2' GNP E . 3.76 -19.30 -2.95
C1' GNP E . 2.33 -19.31 -0.98
N9 GNP E . 1.05 -19.84 -1.39
C8 GNP E . 0.01 -19.15 -1.98
N7 GNP E . -1.03 -19.91 -2.24
C5 GNP E . -0.65 -21.16 -1.78
C6 GNP E . -1.37 -22.38 -1.80
O6 GNP E . -2.52 -22.60 -2.22
N1 GNP E . -0.62 -23.42 -1.24
C2 GNP E . 0.66 -23.30 -0.74
N2 GNP E . 1.22 -24.42 -0.25
N3 GNP E . 1.34 -22.16 -0.73
C4 GNP E . 0.63 -21.14 -1.26
HNB3 GNP E . 1.33 -12.09 0.66
H5'2 GNP E . 1.56 -16.08 0.70
H5'1 GNP E . 2.84 -15.29 0.19
H4' GNP E . 3.60 -17.33 0.84
H3' GNP E . 4.18 -16.80 -1.62
H2' GNP E . 2.40 -17.95 -2.55
HO2' GNP E . 4.34 -18.82 -3.35
H1' GNP E . 2.92 -20.04 -0.70
H8 GNP E . 0.05 -18.25 -2.17
HN1 GNP E . -0.98 -24.20 -1.22
HN21 GNP E . 0.77 -25.15 -0.21
HN22 GNP E . 2.04 -24.41 0.02
MG MG F . -0.06 -10.11 -2.53
PG GNP G . 13.51 6.92 4.84
O1G GNP G . 14.40 5.71 5.00
O2G GNP G . 12.30 6.71 5.70
O3G GNP G . 13.14 7.07 3.39
N3B GNP G . 14.10 8.32 5.45
PB GNP G . 13.27 9.74 5.49
O1B GNP G . 13.43 10.44 4.17
O2B GNP G . 11.90 9.51 6.12
O3A GNP G . 14.11 10.65 6.52
PA GNP G . 13.93 10.82 8.10
O1A GNP G . 12.73 11.68 8.36
O2A GNP G . 13.98 9.46 8.71
O5' GNP G . 15.23 11.67 8.55
C5' GNP G . 16.57 11.36 8.11
C4' GNP G . 17.54 12.03 9.06
O4' GNP G . 17.69 13.41 8.67
C3' GNP G . 17.16 12.05 10.55
O3' GNP G . 18.31 11.93 11.36
C2' GNP G . 16.48 13.43 10.69
O2' GNP G . 16.53 13.94 12.01
C1' GNP G . 17.34 14.26 9.74
N9 GNP G . 16.67 15.43 9.20
C8 GNP G . 15.41 15.48 8.65
N7 GNP G . 15.08 16.70 8.26
C5 GNP G . 16.18 17.47 8.58
C6 GNP G . 16.40 18.86 8.39
O6 GNP G . 15.63 19.69 7.88
N1 GNP G . 17.65 19.24 8.86
C2 GNP G . 18.58 18.41 9.43
N2 GNP G . 19.74 18.97 9.82
N3 GNP G . 18.38 17.10 9.62
C4 GNP G . 17.16 16.70 9.17
HNB3 GNP G . 14.89 8.32 5.77
H5'2 GNP G . 16.70 11.69 7.21
H5'1 GNP G . 16.70 10.40 8.13
H4' GNP G . 18.40 11.58 8.98
H3' GNP G . 16.53 11.33 10.74
H2' GNP G . 15.56 13.38 10.40
HO2' GNP G . 15.92 13.57 12.47
H1' GNP G . 18.15 14.52 10.20
H8 GNP G . 14.85 14.74 8.56
HN1 GNP G . 17.87 20.07 8.77
HN21 GNP G . 19.87 19.81 9.72
HN22 GNP G . 20.35 18.48 10.18
MG MG H . 10.82 7.76 6.61
S SO4 I . 16.95 23.05 34.32
O1 SO4 I . 15.99 23.16 33.23
O2 SO4 I . 17.74 24.28 34.38
O3 SO4 I . 17.83 21.91 34.08
O4 SO4 I . 16.24 22.87 35.59
#